data_7ZY7
#
_entry.id   7ZY7
#
_cell.length_a   207.851
_cell.length_b   53.138
_cell.length_c   66.406
_cell.angle_alpha   90.000
_cell.angle_beta   90.700
_cell.angle_gamma   90.000
#
_symmetry.space_group_name_H-M   'C 1 2 1'
#
loop_
_entity.id
_entity.type
_entity.pdbx_description
1 polymer 'Phosphoglycerate kinase'
2 non-polymer 'PHOSPHATE ION'
3 water water
#
_entity_poly.entity_id   1
_entity_poly.type   'polypeptide(L)'
_entity_poly.pdbx_seq_one_letter_code
;MHHHHHHHMAVKKSVGDLHKADLEGKRVFVRADLNVPLDKATLAITDDTRIRAAVPTLKYLLDNGAKVLLTSHLGRPKGG
PEDKYRLTPVVARLSELLGKPVTKVDDCIGPEVEKAVGAMKNGELLLLENVRFYKEEEKNEPEFAKKLAANADLYVNDAF
GTAHRAHASTEGVTKFLKPSVAGFLLQKELDYLDGAVSNPKRPFVAIVGGSKVSSKITVIEALMEKCDKIIIGGGMIFTF
YKARGLKVGSSLVEDDKIELAKKLEEMAKAKGVQLLLPTDVVVADKFDANANTQTVPITAIPDGWMGLDIGPDSVKTFND
ALADAKTVVWNGPMGVFEFPKFANGTVSIANTLAGLTPKGCITIIGGGDSVAAVEQAGVAEKMSHISTGGGASLELLEGK
VLPGVAALDEK
;
_entity_poly.pdbx_strand_id   A,B
#
loop_
_chem_comp.id
_chem_comp.type
_chem_comp.name
_chem_comp.formula
PO4 non-polymer 'PHOSPHATE ION' 'O4 P -3'
#
# COMPACT_ATOMS: atom_id res chain seq x y z
N VAL A 11 23.01 -14.60 -13.72
CA VAL A 11 23.06 -13.30 -14.36
C VAL A 11 23.31 -12.19 -13.31
N LYS A 12 22.95 -12.43 -12.06
CA LYS A 12 23.19 -11.46 -10.99
C LYS A 12 24.29 -11.97 -10.06
N LYS A 13 25.18 -11.06 -9.64
CA LYS A 13 26.25 -11.45 -8.75
C LYS A 13 25.69 -11.92 -7.41
N SER A 14 26.40 -12.86 -6.79
CA SER A 14 26.00 -13.44 -5.51
C SER A 14 26.96 -13.01 -4.41
N VAL A 15 26.50 -13.13 -3.17
CA VAL A 15 27.39 -12.95 -2.03
C VAL A 15 28.53 -13.95 -2.08
N GLY A 16 28.30 -15.12 -2.66
CA GLY A 16 29.35 -16.11 -2.82
C GLY A 16 30.44 -15.72 -3.78
N ASP A 17 30.14 -14.83 -4.74
CA ASP A 17 31.15 -14.28 -5.65
C ASP A 17 32.12 -13.32 -4.97
N LEU A 18 31.87 -12.95 -3.71
CA LEU A 18 32.77 -12.10 -2.95
C LEU A 18 33.61 -12.96 -1.99
N HIS A 19 34.89 -12.63 -1.87
CA HIS A 19 35.80 -13.34 -0.99
C HIS A 19 36.26 -12.40 0.12
N LYS A 20 37.04 -12.97 1.05
CA LYS A 20 37.33 -12.29 2.32
C LYS A 20 37.89 -10.89 2.11
N ALA A 21 38.67 -10.68 1.05
CA ALA A 21 39.18 -9.34 0.77
C ALA A 21 38.04 -8.35 0.60
N ASP A 22 36.95 -8.78 -0.02
CA ASP A 22 35.81 -7.90 -0.23
C ASP A 22 34.96 -7.70 1.03
N LEU A 23 35.13 -8.55 2.06
CA LEU A 23 34.18 -8.61 3.16
C LEU A 23 34.78 -8.27 4.51
N GLU A 24 35.99 -8.75 4.81
CA GLU A 24 36.59 -8.56 6.13
C GLU A 24 36.66 -7.09 6.50
N GLY A 25 36.03 -6.74 7.63
CA GLY A 25 35.97 -5.37 8.11
C GLY A 25 34.89 -4.49 7.49
N LYS A 26 34.14 -4.99 6.51
CA LYS A 26 33.15 -4.20 5.79
C LYS A 26 31.83 -4.18 6.53
N ARG A 27 31.13 -3.04 6.42
CA ARG A 27 29.78 -2.88 6.95
C ARG A 27 28.78 -3.30 5.88
N VAL A 28 28.09 -4.42 6.12
CA VAL A 28 27.29 -5.10 5.12
C VAL A 28 25.82 -4.95 5.50
N PHE A 29 25.08 -4.16 4.71
CA PHE A 29 23.63 -4.02 4.87
C PHE A 29 22.97 -5.25 4.26
N VAL A 30 22.22 -6.00 5.06
CA VAL A 30 21.52 -7.20 4.61
C VAL A 30 20.02 -7.01 4.78
N ARG A 31 19.28 -7.18 3.69
CA ARG A 31 17.83 -7.22 3.76
C ARG A 31 17.44 -8.69 3.78
N ALA A 32 16.88 -9.14 4.89
CA ALA A 32 16.48 -10.53 5.02
C ALA A 32 14.96 -10.59 5.17
N ASP A 33 14.41 -11.78 4.97
CA ASP A 33 13.00 -12.05 5.22
C ASP A 33 12.91 -12.82 6.53
N LEU A 34 12.68 -12.09 7.62
CA LEU A 34 12.49 -12.69 8.94
C LEU A 34 11.04 -12.60 9.40
N ASN A 35 10.10 -12.46 8.44
CA ASN A 35 8.69 -12.25 8.73
C ASN A 35 8.01 -13.58 9.01
N VAL A 36 8.36 -14.15 10.17
CA VAL A 36 7.83 -15.45 10.60
C VAL A 36 6.46 -15.27 11.23
N PRO A 37 5.54 -16.22 11.04
CA PRO A 37 4.23 -16.15 11.71
C PRO A 37 4.39 -16.14 13.23
N LEU A 38 3.58 -15.32 13.88
CA LEU A 38 3.59 -15.18 15.33
C LEU A 38 2.24 -15.59 15.90
N ASP A 39 2.27 -16.22 17.08
CA ASP A 39 1.04 -16.48 17.81
C ASP A 39 0.53 -15.17 18.40
N LYS A 40 -0.72 -14.83 18.08
CA LYS A 40 -1.23 -13.49 18.38
C LYS A 40 -1.17 -13.20 19.89
N ALA A 41 -1.41 -14.20 20.73
CA ALA A 41 -1.49 -13.94 22.16
C ALA A 41 -0.12 -13.89 22.82
N THR A 42 0.79 -14.77 22.40
CA THR A 42 2.08 -14.91 23.07
C THR A 42 3.24 -14.32 22.29
N LEU A 43 3.07 -14.05 20.98
CA LEU A 43 4.12 -13.58 20.06
C LEU A 43 5.24 -14.62 19.89
N ALA A 44 4.96 -15.88 20.18
CA ALA A 44 5.92 -16.94 19.90
C ALA A 44 5.91 -17.28 18.42
N ILE A 45 7.05 -17.73 17.93
CA ILE A 45 7.21 -18.09 16.53
C ILE A 45 6.62 -19.48 16.30
N THR A 46 5.64 -19.57 15.40
CA THR A 46 5.03 -20.86 15.07
C THR A 46 5.71 -21.53 13.89
N ASP A 47 6.52 -20.80 13.12
CA ASP A 47 7.27 -21.37 12.01
C ASP A 47 8.50 -20.51 11.78
N ASP A 48 9.68 -21.05 12.08
CA ASP A 48 10.94 -20.31 11.97
C ASP A 48 11.71 -20.67 10.70
N THR A 49 11.04 -21.30 9.73
CA THR A 49 11.68 -21.64 8.46
C THR A 49 12.38 -20.44 7.83
N ARG A 50 11.74 -19.27 7.84
CA ARG A 50 12.33 -18.10 7.20
C ARG A 50 13.64 -17.69 7.88
N ILE A 51 13.65 -17.68 9.21
CA ILE A 51 14.89 -17.42 9.92
C ILE A 51 15.96 -18.45 9.56
N ARG A 52 15.61 -19.73 9.63
CA ARG A 52 16.57 -20.77 9.29
C ARG A 52 17.09 -20.60 7.87
N ALA A 53 16.20 -20.25 6.94
CA ALA A 53 16.62 -20.06 5.56
C ALA A 53 17.56 -18.86 5.42
N ALA A 54 17.49 -17.93 6.36
CA ALA A 54 18.29 -16.71 6.31
C ALA A 54 19.71 -16.89 6.86
N VAL A 55 19.96 -17.91 7.69
CA VAL A 55 21.24 -17.94 8.40
C VAL A 55 22.44 -18.27 7.50
N PRO A 56 22.35 -19.08 6.44
CA PRO A 56 23.58 -19.37 5.67
C PRO A 56 24.25 -18.13 5.09
N THR A 57 23.46 -17.17 4.56
CA THR A 57 24.06 -15.91 4.12
C THR A 57 24.74 -15.22 5.30
N LEU A 58 24.04 -15.13 6.42
CA LEU A 58 24.60 -14.43 7.58
C LEU A 58 25.87 -15.10 8.09
N LYS A 59 25.88 -16.44 8.16
CA LYS A 59 27.05 -17.14 8.68
C LYS A 59 28.24 -16.96 7.77
N TYR A 60 28.00 -16.96 6.46
CA TYR A 60 29.08 -16.72 5.50
C TYR A 60 29.69 -15.34 5.70
N LEU A 61 28.86 -14.33 5.88
CA LEU A 61 29.36 -12.97 6.07
C LEU A 61 30.13 -12.84 7.37
N LEU A 62 29.55 -13.33 8.47
CA LEU A 62 30.19 -13.16 9.78
C LEU A 62 31.50 -13.93 9.85
N ASP A 63 31.54 -15.12 9.23
CA ASP A 63 32.75 -15.93 9.24
C ASP A 63 33.87 -15.35 8.39
N ASN A 64 33.55 -14.45 7.47
CA ASN A 64 34.54 -13.74 6.68
C ASN A 64 34.87 -12.36 7.25
N GLY A 65 34.49 -12.10 8.49
CA GLY A 65 34.86 -10.89 9.19
C GLY A 65 34.01 -9.68 8.89
N ALA A 66 32.85 -9.84 8.25
CA ALA A 66 31.97 -8.69 8.02
C ALA A 66 31.38 -8.19 9.32
N LYS A 67 30.94 -6.92 9.29
CA LYS A 67 30.07 -6.34 10.30
C LYS A 67 28.68 -6.21 9.68
N VAL A 68 27.74 -7.04 10.13
CA VAL A 68 26.44 -7.16 9.48
C VAL A 68 25.45 -6.19 10.13
N LEU A 69 24.76 -5.40 9.29
CA LEU A 69 23.59 -4.60 9.66
C LEU A 69 22.39 -5.27 9.02
N LEU A 70 21.57 -5.93 9.84
CA LEU A 70 20.47 -6.78 9.36
C LEU A 70 19.16 -6.01 9.47
N THR A 71 18.37 -6.05 8.40
CA THR A 71 17.06 -5.40 8.34
C THR A 71 16.02 -6.37 7.83
N SER A 72 14.79 -6.20 8.32
CA SER A 72 13.65 -7.01 7.91
C SER A 72 12.38 -6.28 8.31
N HIS A 73 11.24 -6.81 7.85
CA HIS A 73 9.93 -6.43 8.38
C HIS A 73 9.34 -7.63 9.11
N LEU A 74 8.30 -7.35 9.91
CA LEU A 74 7.59 -8.37 10.68
C LEU A 74 6.17 -7.88 10.88
N GLY A 75 5.19 -8.69 10.49
CA GLY A 75 3.80 -8.32 10.68
C GLY A 75 2.81 -9.36 10.19
N GLU A 82 -1.09 -6.03 7.28
CA GLU A 82 -0.58 -4.67 7.20
C GLU A 82 -0.18 -4.11 8.57
N ASP A 83 -0.31 -4.93 9.62
CA ASP A 83 0.04 -4.52 10.98
C ASP A 83 1.51 -4.83 11.25
N LYS A 84 2.25 -3.83 11.72
CA LYS A 84 3.70 -3.92 11.89
C LYS A 84 4.07 -4.30 13.33
N TYR A 85 5.10 -5.13 13.46
CA TYR A 85 5.67 -5.48 14.76
C TYR A 85 7.09 -4.94 14.86
N ARG A 86 7.53 -4.62 16.09
CA ARG A 86 8.97 -4.52 16.33
C ARG A 86 9.62 -5.89 16.10
N LEU A 87 10.93 -5.88 15.93
CA LEU A 87 11.61 -7.16 15.67
C LEU A 87 11.96 -7.93 16.96
N THR A 88 11.61 -7.44 18.14
CA THR A 88 11.86 -8.16 19.40
C THR A 88 11.54 -9.65 19.33
N PRO A 89 10.38 -10.10 18.84
CA PRO A 89 10.05 -11.53 18.96
C PRO A 89 10.99 -12.45 18.20
N VAL A 90 11.85 -11.95 17.31
CA VAL A 90 12.73 -12.82 16.54
C VAL A 90 14.19 -12.78 16.99
N VAL A 91 14.56 -11.83 17.87
CA VAL A 91 15.97 -11.67 18.22
C VAL A 91 16.56 -12.98 18.75
N ALA A 92 15.86 -13.60 19.71
CA ALA A 92 16.42 -14.78 20.38
C ALA A 92 16.49 -15.98 19.45
N ARG A 93 15.45 -16.22 18.64
CA ARG A 93 15.50 -17.35 17.71
C ARG A 93 16.60 -17.16 16.68
N LEU A 94 16.79 -15.92 16.20
CA LEU A 94 17.84 -15.66 15.23
C LEU A 94 19.23 -15.96 15.81
N SER A 95 19.49 -15.49 17.04
CA SER A 95 20.78 -15.74 17.67
C SER A 95 21.04 -17.24 17.86
N GLU A 96 20.01 -17.98 18.30
CA GLU A 96 20.15 -19.42 18.48
C GLU A 96 20.49 -20.12 17.17
N LEU A 97 19.80 -19.78 16.08
CA LEU A 97 20.10 -20.43 14.82
C LEU A 97 21.36 -19.88 14.16
N LEU A 98 21.74 -18.66 14.53
CA LEU A 98 22.99 -18.10 14.01
C LEU A 98 24.20 -18.70 14.70
N GLY A 99 24.07 -19.02 15.98
CA GLY A 99 25.24 -19.39 16.73
C GLY A 99 26.12 -18.23 17.08
N LYS A 100 25.61 -17.00 16.96
CA LYS A 100 26.33 -15.80 17.32
C LYS A 100 25.35 -14.86 18.00
N PRO A 101 25.84 -14.00 18.90
CA PRO A 101 24.94 -13.02 19.54
C PRO A 101 24.39 -12.04 18.52
N VAL A 102 23.31 -11.35 18.94
CA VAL A 102 22.58 -10.40 18.11
C VAL A 102 22.35 -9.16 18.96
N THR A 103 22.87 -8.02 18.51
CA THR A 103 22.63 -6.74 19.16
C THR A 103 21.48 -6.03 18.45
N LYS A 104 20.48 -5.62 19.21
CA LYS A 104 19.34 -4.91 18.67
C LYS A 104 19.58 -3.41 18.76
N VAL A 105 19.15 -2.69 17.72
CA VAL A 105 19.13 -1.24 17.72
C VAL A 105 17.70 -0.78 17.45
N ASP A 106 17.24 0.22 18.21
CA ASP A 106 15.84 0.62 18.15
C ASP A 106 15.52 1.57 16.99
N ASP A 107 16.34 1.58 15.93
CA ASP A 107 16.10 2.42 14.76
C ASP A 107 16.88 1.76 13.62
N CYS A 108 16.56 2.13 12.39
CA CYS A 108 17.34 1.64 11.25
C CYS A 108 18.15 2.75 10.60
N ILE A 109 18.04 4.00 11.07
CA ILE A 109 18.84 5.13 10.59
C ILE A 109 19.25 6.00 11.77
N GLY A 110 20.23 6.87 11.51
CA GLY A 110 20.51 7.96 12.42
C GLY A 110 21.65 7.72 13.38
N PRO A 111 21.78 8.61 14.38
CA PRO A 111 22.95 8.55 15.26
C PRO A 111 23.03 7.30 16.10
N GLU A 112 21.89 6.78 16.58
CA GLU A 112 21.93 5.57 17.40
C GLU A 112 22.48 4.40 16.59
N VAL A 113 22.06 4.29 15.32
CA VAL A 113 22.65 3.28 14.44
C VAL A 113 24.14 3.54 14.26
N GLU A 114 24.48 4.78 13.91
CA GLU A 114 25.88 5.14 13.69
C GLU A 114 26.74 4.80 14.90
N LYS A 115 26.23 5.07 16.11
CA LYS A 115 26.95 4.73 17.34
C LYS A 115 27.12 3.22 17.48
N ALA A 116 26.01 2.47 17.31
CA ALA A 116 26.09 1.03 17.41
C ALA A 116 27.05 0.45 16.39
N VAL A 117 27.03 0.97 15.15
CA VAL A 117 27.91 0.45 14.12
C VAL A 117 29.37 0.75 14.45
N GLY A 118 29.63 1.94 15.00
CA GLY A 118 30.99 2.28 15.40
C GLY A 118 31.57 1.34 16.44
N ALA A 119 30.73 0.86 17.36
CA ALA A 119 31.19 -0.04 18.40
C ALA A 119 31.32 -1.50 17.95
N MET A 120 31.01 -1.81 16.68
CA MET A 120 31.03 -3.19 16.24
C MET A 120 32.46 -3.66 15.94
N LYS A 121 32.68 -4.96 16.14
CA LYS A 121 33.90 -5.65 15.76
C LYS A 121 33.62 -6.59 14.57
N ASN A 122 34.68 -6.96 13.85
CA ASN A 122 34.54 -7.91 12.75
C ASN A 122 33.87 -9.20 13.21
N GLY A 123 32.98 -9.73 12.38
CA GLY A 123 32.26 -10.93 12.73
C GLY A 123 31.10 -10.75 13.69
N GLU A 124 30.64 -9.52 13.88
CA GLU A 124 29.48 -9.22 14.72
C GLU A 124 28.29 -8.84 13.86
N LEU A 125 27.09 -9.02 14.44
CA LEU A 125 25.84 -8.77 13.74
C LEU A 125 24.97 -7.81 14.56
N LEU A 126 24.51 -6.76 13.90
CA LEU A 126 23.55 -5.82 14.42
C LEU A 126 22.19 -6.11 13.78
N LEU A 127 21.12 -5.96 14.54
CA LEU A 127 19.76 -6.09 14.00
C LEU A 127 19.08 -4.75 14.15
N LEU A 128 18.77 -4.12 13.03
CA LEU A 128 18.10 -2.82 13.06
C LEU A 128 16.60 -2.98 13.24
N GLU A 129 15.97 -1.94 13.79
CA GLU A 129 14.53 -1.97 13.99
C GLU A 129 13.78 -2.03 12.64
N ASN A 130 12.54 -2.52 12.72
CA ASN A 130 11.67 -2.72 11.55
C ASN A 130 11.65 -1.50 10.64
N VAL A 131 12.11 -1.66 9.40
CA VAL A 131 12.23 -0.51 8.50
C VAL A 131 10.87 0.08 8.16
N ARG A 132 9.82 -0.73 8.22
CA ARG A 132 8.51 -0.24 7.78
C ARG A 132 7.84 0.68 8.77
N PHE A 133 8.49 0.98 9.91
CA PHE A 133 7.99 2.05 10.77
C PHE A 133 8.13 3.41 10.11
N TYR A 134 9.01 3.54 9.12
CA TYR A 134 9.11 4.76 8.32
C TYR A 134 8.22 4.63 7.10
N LYS A 135 7.33 5.62 6.90
CA LYS A 135 6.52 5.59 5.69
C LYS A 135 7.38 5.72 4.44
N GLU A 136 8.56 6.31 4.57
CA GLU A 136 9.50 6.42 3.46
C GLU A 136 9.98 5.07 2.95
N GLU A 137 9.91 4.02 3.78
CA GLU A 137 10.35 2.69 3.33
C GLU A 137 9.51 2.20 2.16
N GLU A 138 8.18 2.18 2.30
CA GLU A 138 7.36 1.65 1.22
C GLU A 138 7.16 2.67 0.10
N LYS A 139 7.39 3.95 0.39
CA LYS A 139 7.43 4.97 -0.66
C LYS A 139 8.70 4.90 -1.49
N ASN A 140 9.72 4.17 -1.03
CA ASN A 140 11.00 4.08 -1.74
C ASN A 140 11.62 5.46 -1.95
N GLU A 141 11.56 6.29 -0.91
CA GLU A 141 12.04 7.66 -1.01
C GLU A 141 13.57 7.67 -0.95
N PRO A 142 14.24 8.34 -1.90
CA PRO A 142 15.71 8.21 -1.99
C PRO A 142 16.44 8.77 -0.79
N GLU A 143 15.97 9.87 -0.21
CA GLU A 143 16.67 10.45 0.94
C GLU A 143 16.66 9.50 2.14
N PHE A 144 15.60 8.70 2.28
CA PHE A 144 15.56 7.70 3.35
C PHE A 144 16.50 6.54 3.04
N ALA A 145 16.44 6.01 1.82
CA ALA A 145 17.40 5.00 1.39
C ALA A 145 18.83 5.47 1.59
N LYS A 146 19.08 6.76 1.33
CA LYS A 146 20.38 7.33 1.59
C LYS A 146 20.75 7.17 3.07
N LYS A 147 19.82 7.49 3.97
CA LYS A 147 20.13 7.37 5.39
C LYS A 147 20.32 5.91 5.79
N LEU A 148 19.60 5.00 5.13
CA LEU A 148 19.80 3.56 5.39
C LEU A 148 21.20 3.13 5.01
N ALA A 149 21.71 3.63 3.88
CA ALA A 149 23.02 3.24 3.39
C ALA A 149 24.17 3.97 4.10
N ALA A 150 23.85 5.01 4.89
CA ALA A 150 24.90 5.91 5.40
C ALA A 150 25.89 5.20 6.29
N ASN A 151 25.49 4.10 6.93
CA ASN A 151 26.42 3.39 7.82
C ASN A 151 26.82 2.02 7.25
N ALA A 152 26.72 1.84 5.93
CA ALA A 152 27.05 0.57 5.28
C ALA A 152 28.02 0.82 4.13
N ASP A 153 28.76 -0.23 3.78
CA ASP A 153 29.65 -0.21 2.63
C ASP A 153 29.12 -1.00 1.44
N LEU A 154 28.32 -2.03 1.67
CA LEU A 154 27.81 -2.84 0.56
C LEU A 154 26.51 -3.50 0.99
N TYR A 155 25.86 -4.15 0.02
CA TYR A 155 24.46 -4.54 0.16
C TYR A 155 24.24 -5.98 -0.30
N VAL A 156 23.47 -6.73 0.50
CA VAL A 156 23.10 -8.09 0.16
C VAL A 156 21.58 -8.20 0.30
N ASN A 157 20.92 -8.61 -0.78
CA ASN A 157 19.49 -8.88 -0.74
C ASN A 157 19.29 -10.39 -0.60
N ASP A 158 18.67 -10.80 0.51
CA ASP A 158 18.33 -12.20 0.72
C ASP A 158 16.83 -12.38 0.95
N ALA A 159 16.01 -11.44 0.48
CA ALA A 159 14.60 -11.36 0.83
C ALA A 159 13.76 -11.56 -0.43
N PHE A 160 13.76 -12.79 -0.95
CA PHE A 160 13.07 -13.05 -2.21
C PHE A 160 11.60 -12.70 -2.13
N GLY A 161 10.97 -13.01 -0.98
CA GLY A 161 9.54 -12.75 -0.79
C GLY A 161 9.13 -11.29 -0.95
N THR A 162 10.08 -10.35 -0.85
CA THR A 162 9.75 -8.95 -1.11
C THR A 162 10.43 -8.41 -2.36
N ALA A 163 11.01 -9.26 -3.20
CA ALA A 163 11.76 -8.77 -4.36
C ALA A 163 10.87 -8.18 -5.45
N HIS A 164 9.56 -8.40 -5.41
CA HIS A 164 8.66 -7.81 -6.38
C HIS A 164 8.17 -6.42 -5.98
N ARG A 165 8.47 -5.98 -4.76
CA ARG A 165 8.19 -4.62 -4.30
C ARG A 165 9.41 -3.73 -4.48
N ALA A 166 9.15 -2.44 -4.66
CA ALA A 166 10.22 -1.44 -4.77
C ALA A 166 10.17 -0.59 -3.50
N HIS A 167 10.85 -1.07 -2.46
CA HIS A 167 10.91 -0.38 -1.18
C HIS A 167 12.35 0.11 -0.94
N ALA A 168 12.50 1.03 0.02
CA ALA A 168 13.84 1.57 0.28
C ALA A 168 14.84 0.47 0.61
N SER A 169 14.49 -0.39 1.57
CA SER A 169 15.39 -1.45 2.00
C SER A 169 15.58 -2.54 0.94
N THR A 170 14.68 -2.68 -0.04
CA THR A 170 14.80 -3.76 -1.00
C THR A 170 15.26 -3.30 -2.38
N GLU A 171 15.45 -1.99 -2.60
CA GLU A 171 15.70 -1.49 -3.94
C GLU A 171 16.36 -0.11 -3.88
N GLY A 172 15.74 0.80 -3.14
CA GLY A 172 16.24 2.17 -3.09
C GLY A 172 17.66 2.27 -2.54
N VAL A 173 18.00 1.46 -1.52
CA VAL A 173 19.34 1.56 -0.95
C VAL A 173 20.43 1.10 -1.90
N THR A 174 20.10 0.24 -2.86
CA THR A 174 21.12 -0.25 -3.77
C THR A 174 21.74 0.90 -4.56
N LYS A 175 21.03 2.02 -4.71
CA LYS A 175 21.62 3.15 -5.42
C LYS A 175 22.77 3.81 -4.65
N PHE A 176 22.98 3.45 -3.38
CA PHE A 176 24.02 4.06 -2.57
C PHE A 176 25.04 3.07 -2.04
N LEU A 177 24.96 1.81 -2.43
CA LEU A 177 25.86 0.76 -1.94
C LEU A 177 26.39 -0.01 -3.13
N LYS A 178 27.68 -0.26 -3.12
CA LYS A 178 28.39 -0.94 -4.21
C LYS A 178 29.45 -1.83 -3.60
N PRO A 179 29.42 -3.16 -3.83
CA PRO A 179 28.43 -3.83 -4.67
C PRO A 179 27.08 -4.04 -4.00
N SER A 180 26.10 -4.41 -4.82
CA SER A 180 24.80 -4.89 -4.37
C SER A 180 24.60 -6.26 -5.00
N VAL A 181 24.50 -7.30 -4.15
CA VAL A 181 24.52 -8.68 -4.61
C VAL A 181 23.38 -9.43 -3.95
N ALA A 182 23.08 -10.61 -4.50
CA ALA A 182 22.06 -11.52 -3.97
C ALA A 182 22.63 -12.46 -2.91
N GLY A 183 21.92 -12.60 -1.80
CA GLY A 183 22.27 -13.60 -0.81
C GLY A 183 22.06 -15.02 -1.35
N PHE A 184 22.41 -15.99 -0.51
CA PHE A 184 22.30 -17.39 -0.91
C PHE A 184 20.84 -17.83 -1.06
N LEU A 185 19.96 -17.33 -0.20
CA LEU A 185 18.55 -17.74 -0.30
C LEU A 185 17.91 -17.20 -1.56
N LEU A 186 18.17 -15.92 -1.86
CA LEU A 186 17.64 -15.34 -3.08
C LEU A 186 18.18 -16.04 -4.31
N GLN A 187 19.48 -16.36 -4.30
CA GLN A 187 20.07 -17.04 -5.46
C GLN A 187 19.48 -18.43 -5.66
N LYS A 188 19.20 -19.15 -4.56
CA LYS A 188 18.56 -20.46 -4.68
C LYS A 188 17.16 -20.34 -5.28
N GLU A 189 16.40 -19.35 -4.82
CA GLU A 189 15.06 -19.13 -5.39
C GLU A 189 15.14 -18.87 -6.89
N LEU A 190 16.12 -18.07 -7.31
CA LEU A 190 16.29 -17.82 -8.73
C LEU A 190 16.81 -19.06 -9.46
N ASP A 191 17.72 -19.81 -8.83
CA ASP A 191 18.26 -21.00 -9.47
C ASP A 191 17.16 -22.01 -9.81
N TYR A 192 16.16 -22.15 -8.94
CA TYR A 192 15.10 -23.14 -9.15
C TYR A 192 13.91 -22.58 -9.91
N LEU A 193 13.42 -21.40 -9.50
CA LEU A 193 12.20 -20.86 -10.08
C LEU A 193 12.43 -20.24 -11.44
N ASP A 194 13.64 -19.74 -11.70
CA ASP A 194 13.97 -19.16 -12.99
C ASP A 194 14.88 -20.08 -13.80
N GLY A 195 16.05 -20.43 -13.26
CA GLY A 195 17.00 -21.20 -14.05
C GLY A 195 16.49 -22.58 -14.42
N ALA A 196 16.02 -23.34 -13.41
CA ALA A 196 15.62 -24.72 -13.63
C ALA A 196 14.39 -24.82 -14.55
N VAL A 197 13.60 -23.77 -14.64
CA VAL A 197 12.43 -23.74 -15.52
C VAL A 197 12.81 -23.28 -16.93
N SER A 198 13.68 -22.27 -17.05
CA SER A 198 13.99 -21.68 -18.35
C SER A 198 14.93 -22.58 -19.17
N ASN A 199 15.90 -23.21 -18.51
N ASN A 199 15.90 -23.20 -18.52
CA ASN A 199 16.77 -24.17 -19.18
CA ASN A 199 16.76 -24.18 -19.19
C ASN A 199 16.53 -25.54 -18.57
C ASN A 199 16.52 -25.54 -18.55
N PRO A 200 15.35 -26.14 -18.76
CA PRO A 200 14.97 -27.32 -17.98
C PRO A 200 15.58 -28.61 -18.49
N LYS A 201 15.86 -29.51 -17.57
CA LYS A 201 16.13 -30.88 -17.98
C LYS A 201 14.82 -31.62 -18.18
N ARG A 202 14.77 -32.39 -19.26
CA ARG A 202 13.56 -32.97 -19.77
C ARG A 202 13.55 -34.48 -19.54
N PRO A 203 12.36 -35.10 -19.46
CA PRO A 203 11.02 -34.49 -19.55
C PRO A 203 10.70 -33.54 -18.39
N PHE A 204 10.16 -32.37 -18.73
CA PHE A 204 9.76 -31.32 -17.81
C PHE A 204 8.23 -31.33 -17.74
N VAL A 205 7.69 -31.70 -16.58
CA VAL A 205 6.23 -31.79 -16.38
C VAL A 205 5.82 -30.70 -15.42
N ALA A 206 4.80 -29.94 -15.80
CA ALA A 206 4.20 -28.98 -14.88
C ALA A 206 2.88 -29.56 -14.39
N ILE A 207 2.58 -29.32 -13.12
CA ILE A 207 1.32 -29.72 -12.49
C ILE A 207 0.68 -28.46 -11.92
N VAL A 208 -0.53 -28.16 -12.37
CA VAL A 208 -1.23 -26.96 -11.93
C VAL A 208 -2.61 -27.36 -11.46
N GLY A 209 -2.92 -27.04 -10.21
CA GLY A 209 -4.24 -27.31 -9.67
C GLY A 209 -4.83 -26.05 -9.06
N GLY A 210 -6.14 -26.07 -8.88
CA GLY A 210 -6.80 -24.91 -8.37
C GLY A 210 -8.28 -24.98 -8.60
N SER A 211 -9.00 -24.13 -7.89
CA SER A 211 -10.46 -24.07 -7.97
C SER A 211 -10.93 -23.37 -9.24
N LYS A 212 -10.19 -22.38 -9.70
CA LYS A 212 -10.61 -21.46 -10.74
C LYS A 212 -9.50 -21.32 -11.77
N VAL A 213 -9.84 -21.51 -13.05
CA VAL A 213 -8.81 -21.34 -14.07
C VAL A 213 -8.39 -19.88 -14.16
N SER A 214 -9.26 -18.94 -13.76
CA SER A 214 -8.91 -17.52 -13.82
C SER A 214 -7.68 -17.22 -12.97
N SER A 215 -7.54 -17.88 -11.82
CA SER A 215 -6.39 -17.60 -10.97
C SER A 215 -5.10 -18.20 -11.49
N LYS A 216 -5.17 -19.09 -12.47
CA LYS A 216 -4.01 -19.88 -12.86
C LYS A 216 -3.63 -19.69 -14.32
N ILE A 217 -4.31 -18.79 -15.01
CA ILE A 217 -4.06 -18.59 -16.44
C ILE A 217 -2.60 -18.27 -16.71
N THR A 218 -2.07 -17.22 -16.08
CA THR A 218 -0.76 -16.75 -16.50
C THR A 218 0.33 -17.76 -16.15
N VAL A 219 0.18 -18.47 -15.04
CA VAL A 219 1.18 -19.49 -14.73
C VAL A 219 1.08 -20.64 -15.70
N ILE A 220 -0.15 -21.03 -16.07
CA ILE A 220 -0.31 -22.08 -17.07
C ILE A 220 0.30 -21.62 -18.39
N GLU A 221 -0.03 -20.40 -18.81
CA GLU A 221 0.50 -19.90 -20.08
C GLU A 221 2.02 -19.79 -20.01
N ALA A 222 2.56 -19.36 -18.87
CA ALA A 222 4.03 -19.26 -18.76
C ALA A 222 4.68 -20.62 -18.86
N LEU A 223 4.08 -21.64 -18.25
CA LEU A 223 4.71 -22.96 -18.21
C LEU A 223 4.64 -23.66 -19.56
N MET A 224 3.62 -23.37 -20.37
CA MET A 224 3.53 -23.97 -21.71
C MET A 224 4.66 -23.55 -22.63
N GLU A 225 5.34 -22.42 -22.35
CA GLU A 225 6.48 -22.03 -23.16
C GLU A 225 7.68 -22.93 -22.93
N LYS A 226 7.66 -23.75 -21.88
CA LYS A 226 8.88 -24.46 -21.53
C LYS A 226 8.69 -25.96 -21.32
N CYS A 227 7.50 -26.39 -20.92
CA CYS A 227 7.37 -27.76 -20.44
C CYS A 227 6.94 -28.74 -21.54
N ASP A 228 7.21 -30.02 -21.29
CA ASP A 228 6.80 -31.11 -22.18
C ASP A 228 5.35 -31.50 -21.97
N LYS A 229 4.92 -31.62 -20.71
CA LYS A 229 3.54 -31.98 -20.38
C LYS A 229 3.03 -31.06 -19.27
N ILE A 230 1.75 -30.75 -19.31
CA ILE A 230 1.06 -30.07 -18.22
C ILE A 230 -0.04 -30.98 -17.71
N ILE A 231 0.00 -31.27 -16.42
CA ILE A 231 -1.08 -31.96 -15.73
C ILE A 231 -1.96 -30.90 -15.06
N ILE A 232 -3.24 -30.94 -15.35
CA ILE A 232 -4.21 -29.99 -14.79
C ILE A 232 -5.13 -30.75 -13.83
N GLY A 233 -5.22 -30.26 -12.59
CA GLY A 233 -6.09 -30.86 -11.59
C GLY A 233 -6.82 -29.79 -10.79
N GLY A 234 -7.57 -30.26 -9.79
CA GLY A 234 -8.34 -29.35 -8.96
C GLY A 234 -9.70 -29.06 -9.58
N GLY A 235 -10.47 -28.21 -8.89
CA GLY A 235 -11.83 -27.96 -9.30
C GLY A 235 -11.95 -27.22 -10.62
N MET A 236 -10.88 -26.58 -11.08
CA MET A 236 -10.92 -25.84 -12.34
C MET A 236 -11.10 -26.73 -13.57
N ILE A 237 -10.89 -28.05 -13.44
CA ILE A 237 -11.09 -28.95 -14.59
C ILE A 237 -12.52 -28.88 -15.08
N PHE A 238 -13.48 -28.52 -14.22
CA PHE A 238 -14.87 -28.56 -14.65
C PHE A 238 -15.24 -27.45 -15.62
N THR A 239 -14.49 -26.35 -15.65
CA THR A 239 -14.74 -25.38 -16.72
C THR A 239 -14.20 -25.88 -18.05
N PHE A 240 -13.06 -26.60 -18.04
CA PHE A 240 -12.61 -27.28 -19.25
C PHE A 240 -13.67 -28.26 -19.74
N TYR A 241 -14.22 -29.07 -18.83
CA TYR A 241 -15.23 -30.07 -19.22
C TYR A 241 -16.51 -29.39 -19.72
N LYS A 242 -16.95 -28.32 -19.06
CA LYS A 242 -18.12 -27.62 -19.55
C LYS A 242 -17.87 -27.05 -20.95
N ALA A 243 -16.63 -26.65 -21.22
CA ALA A 243 -16.25 -26.17 -22.54
C ALA A 243 -16.32 -27.26 -23.60
N ARG A 244 -16.25 -28.53 -23.19
CA ARG A 244 -16.46 -29.64 -24.11
C ARG A 244 -17.92 -29.99 -24.28
N GLY A 245 -18.83 -29.27 -23.63
CA GLY A 245 -20.23 -29.62 -23.70
C GLY A 245 -20.68 -30.67 -22.71
N LEU A 246 -19.80 -31.10 -21.80
CA LEU A 246 -20.15 -32.10 -20.80
C LEU A 246 -20.95 -31.48 -19.66
N LYS A 247 -21.78 -32.29 -19.03
CA LYS A 247 -22.40 -31.91 -17.78
C LYS A 247 -21.37 -31.99 -16.65
N VAL A 248 -21.48 -31.07 -15.68
CA VAL A 248 -20.52 -31.02 -14.58
C VAL A 248 -21.25 -31.00 -13.23
N GLY A 249 -22.52 -31.42 -13.23
CA GLY A 249 -23.31 -31.46 -12.01
C GLY A 249 -23.30 -30.11 -11.33
N SER A 250 -23.13 -30.13 -10.01
CA SER A 250 -23.06 -28.89 -9.23
C SER A 250 -21.64 -28.37 -9.08
N SER A 251 -20.69 -28.87 -9.87
CA SER A 251 -19.32 -28.39 -9.75
C SER A 251 -19.27 -26.93 -10.14
N LEU A 252 -18.49 -26.15 -9.39
CA LEU A 252 -18.41 -24.73 -9.65
C LEU A 252 -17.56 -24.48 -10.89
N VAL A 253 -18.05 -23.60 -11.76
CA VAL A 253 -17.41 -23.31 -13.03
C VAL A 253 -17.40 -21.80 -13.24
N GLU A 254 -16.52 -21.35 -14.12
CA GLU A 254 -16.45 -19.94 -14.53
C GLU A 254 -16.92 -19.88 -15.98
N ASP A 255 -18.21 -19.58 -16.17
CA ASP A 255 -18.77 -19.55 -17.52
C ASP A 255 -18.04 -18.53 -18.40
N ASP A 256 -17.61 -17.41 -17.81
CA ASP A 256 -16.86 -16.40 -18.54
C ASP A 256 -15.46 -16.86 -18.91
N LYS A 257 -15.01 -18.02 -18.44
CA LYS A 257 -13.69 -18.55 -18.80
C LYS A 257 -13.78 -19.79 -19.69
N ILE A 258 -14.98 -20.13 -20.17
CA ILE A 258 -15.17 -21.29 -21.03
C ILE A 258 -14.36 -21.14 -22.31
N GLU A 259 -14.42 -19.97 -22.95
CA GLU A 259 -13.68 -19.78 -24.19
C GLU A 259 -12.17 -19.81 -23.93
N LEU A 260 -11.75 -19.17 -22.84
CA LEU A 260 -10.35 -19.25 -22.43
C LEU A 260 -9.91 -20.70 -22.27
N ALA A 261 -10.77 -21.56 -21.74
CA ALA A 261 -10.39 -22.96 -21.56
C ALA A 261 -10.11 -23.63 -22.90
N LYS A 262 -10.93 -23.34 -23.92
CA LYS A 262 -10.66 -23.87 -25.24
C LYS A 262 -9.35 -23.35 -25.80
N LYS A 263 -9.05 -22.05 -25.58
CA LYS A 263 -7.81 -21.50 -26.12
C LYS A 263 -6.58 -22.15 -25.50
N LEU A 264 -6.63 -22.46 -24.19
CA LEU A 264 -5.49 -23.11 -23.54
C LEU A 264 -5.24 -24.48 -24.15
N GLU A 265 -6.30 -25.26 -24.40
CA GLU A 265 -6.13 -26.56 -25.02
C GLU A 265 -5.51 -26.41 -26.41
N GLU A 266 -6.01 -25.45 -27.20
CA GLU A 266 -5.43 -25.21 -28.53
C GLU A 266 -3.96 -24.79 -28.40
N MET A 267 -3.67 -23.85 -27.50
CA MET A 267 -2.31 -23.36 -27.33
C MET A 267 -1.36 -24.49 -26.96
N ALA A 268 -1.82 -25.44 -26.13
CA ALA A 268 -0.99 -26.59 -25.77
C ALA A 268 -0.57 -27.37 -27.01
N LYS A 269 -1.52 -27.69 -27.88
CA LYS A 269 -1.21 -28.47 -29.07
C LYS A 269 -0.22 -27.72 -29.97
N ALA A 270 -0.47 -26.42 -30.18
CA ALA A 270 0.42 -25.65 -31.06
C ALA A 270 1.85 -25.65 -30.54
N LYS A 271 2.05 -25.61 -29.22
CA LYS A 271 3.40 -25.50 -28.70
C LYS A 271 4.05 -26.84 -28.39
N GLY A 272 3.38 -27.95 -28.68
CA GLY A 272 3.98 -29.25 -28.45
C GLY A 272 3.88 -29.72 -27.02
N VAL A 273 2.88 -29.23 -26.28
CA VAL A 273 2.70 -29.56 -24.87
C VAL A 273 1.59 -30.61 -24.77
N GLN A 274 1.90 -31.75 -24.16
CA GLN A 274 0.87 -32.73 -23.83
C GLN A 274 0.08 -32.19 -22.65
N LEU A 275 -1.18 -31.87 -22.88
CA LEU A 275 -2.09 -31.40 -21.85
C LEU A 275 -2.85 -32.61 -21.31
N LEU A 276 -2.76 -32.84 -20.00
CA LEU A 276 -3.38 -33.98 -19.36
C LEU A 276 -4.42 -33.49 -18.36
N LEU A 277 -5.68 -33.84 -18.60
CA LEU A 277 -6.77 -33.66 -17.65
C LEU A 277 -7.28 -35.01 -17.19
N PRO A 278 -7.90 -35.08 -16.00
CA PRO A 278 -8.40 -36.36 -15.53
C PRO A 278 -9.50 -36.91 -16.42
N THR A 279 -9.60 -38.24 -16.44
CA THR A 279 -10.70 -38.92 -17.11
C THR A 279 -11.73 -39.46 -16.13
N ASP A 280 -11.44 -39.42 -14.84
CA ASP A 280 -12.43 -39.81 -13.84
C ASP A 280 -12.27 -38.93 -12.61
N VAL A 281 -13.36 -38.76 -11.87
CA VAL A 281 -13.39 -37.88 -10.73
C VAL A 281 -14.18 -38.55 -9.61
N VAL A 282 -13.88 -38.17 -8.38
CA VAL A 282 -14.69 -38.53 -7.22
C VAL A 282 -15.65 -37.38 -6.98
N VAL A 283 -16.96 -37.66 -7.07
CA VAL A 283 -17.99 -36.63 -6.91
C VAL A 283 -18.68 -36.80 -5.58
N ALA A 284 -19.19 -35.70 -5.05
CA ALA A 284 -19.84 -35.65 -3.74
C ALA A 284 -21.21 -35.00 -3.87
N ASP A 285 -22.16 -35.47 -3.06
CA ASP A 285 -23.47 -34.81 -3.11
C ASP A 285 -23.52 -33.51 -2.31
N LYS A 286 -22.44 -33.13 -1.65
CA LYS A 286 -22.34 -31.81 -1.04
C LYS A 286 -20.89 -31.58 -0.65
N PHE A 287 -20.55 -30.32 -0.36
CA PHE A 287 -19.18 -29.94 -0.06
C PHE A 287 -18.92 -30.20 1.41
N ASP A 288 -18.54 -31.45 1.71
CA ASP A 288 -18.51 -31.97 3.08
C ASP A 288 -17.55 -33.15 3.10
N ALA A 289 -16.68 -33.19 4.11
CA ALA A 289 -15.84 -34.37 4.29
C ALA A 289 -16.67 -35.63 4.51
N ASN A 290 -17.93 -35.50 4.94
CA ASN A 290 -18.79 -36.64 5.18
C ASN A 290 -19.79 -36.88 4.07
N ALA A 291 -19.64 -36.21 2.92
CA ALA A 291 -20.58 -36.39 1.83
C ALA A 291 -20.63 -37.84 1.37
N ASN A 292 -21.77 -38.21 0.79
CA ASN A 292 -21.82 -39.38 -0.06
C ASN A 292 -20.95 -39.13 -1.29
N THR A 293 -20.40 -40.21 -1.85
CA THR A 293 -19.47 -40.10 -2.96
C THR A 293 -19.78 -41.15 -4.01
N GLN A 294 -19.33 -40.86 -5.24
CA GLN A 294 -19.23 -41.82 -6.33
C GLN A 294 -17.96 -41.50 -7.10
N THR A 295 -17.38 -42.51 -7.73
CA THR A 295 -16.28 -42.34 -8.67
C THR A 295 -16.81 -42.59 -10.07
N VAL A 296 -16.73 -41.58 -10.93
CA VAL A 296 -17.39 -41.63 -12.24
C VAL A 296 -16.42 -41.18 -13.31
N PRO A 297 -16.61 -41.62 -14.56
CA PRO A 297 -15.90 -40.98 -15.67
C PRO A 297 -16.41 -39.55 -15.85
N ILE A 298 -15.51 -38.66 -16.30
CA ILE A 298 -15.86 -37.26 -16.44
C ILE A 298 -16.97 -37.03 -17.48
N THR A 299 -17.32 -38.06 -18.26
CA THR A 299 -18.36 -37.94 -19.26
C THR A 299 -19.74 -38.28 -18.70
N ALA A 300 -19.83 -38.62 -17.42
CA ALA A 300 -21.10 -39.03 -16.81
C ALA A 300 -21.19 -38.50 -15.38
N ILE A 301 -21.00 -37.19 -15.24
CA ILE A 301 -21.10 -36.59 -13.91
C ILE A 301 -22.58 -36.48 -13.55
N PRO A 302 -23.00 -37.06 -12.42
CA PRO A 302 -24.43 -37.02 -12.07
C PRO A 302 -24.91 -35.63 -11.71
N ASP A 303 -26.15 -35.33 -12.08
CA ASP A 303 -26.76 -34.04 -11.77
C ASP A 303 -26.75 -33.77 -10.27
N GLY A 304 -26.42 -32.55 -9.89
CA GLY A 304 -26.42 -32.17 -8.49
C GLY A 304 -25.25 -32.66 -7.67
N TRP A 305 -24.26 -33.33 -8.28
CA TRP A 305 -23.03 -33.75 -7.60
C TRP A 305 -21.84 -32.93 -8.09
N MET A 306 -20.82 -32.78 -7.23
CA MET A 306 -19.68 -31.93 -7.53
C MET A 306 -18.39 -32.74 -7.39
N GLY A 307 -17.42 -32.44 -8.25
CA GLY A 307 -16.18 -33.19 -8.24
C GLY A 307 -15.23 -32.63 -7.20
N LEU A 308 -14.80 -33.45 -6.24
CA LEU A 308 -13.94 -33.00 -5.16
C LEU A 308 -12.57 -33.68 -5.17
N ASP A 309 -12.34 -34.65 -6.06
CA ASP A 309 -10.98 -35.20 -6.22
C ASP A 309 -10.90 -35.81 -7.63
N ILE A 310 -9.66 -35.99 -8.11
CA ILE A 310 -9.45 -36.80 -9.31
C ILE A 310 -9.56 -38.27 -8.93
N GLY A 311 -9.92 -39.11 -9.90
CA GLY A 311 -10.20 -40.50 -9.63
C GLY A 311 -8.98 -41.37 -9.75
N PRO A 312 -9.13 -42.67 -9.42
CA PRO A 312 -7.96 -43.54 -9.42
C PRO A 312 -7.35 -43.74 -10.80
N ASP A 313 -8.18 -43.83 -11.86
CA ASP A 313 -7.62 -43.96 -13.21
C ASP A 313 -6.79 -42.75 -13.58
N SER A 314 -7.23 -41.56 -13.17
CA SER A 314 -6.45 -40.35 -13.43
C SER A 314 -5.19 -40.31 -12.60
N VAL A 315 -5.25 -40.82 -11.36
CA VAL A 315 -4.04 -40.90 -10.54
C VAL A 315 -2.99 -41.78 -11.23
N LYS A 316 -3.43 -42.91 -11.77
CA LYS A 316 -2.50 -43.80 -12.46
C LYS A 316 -1.92 -43.14 -13.70
N THR A 317 -2.80 -42.55 -14.53
CA THR A 317 -2.34 -41.84 -15.72
C THR A 317 -1.32 -40.76 -15.37
N PHE A 318 -1.60 -39.96 -14.33
CA PHE A 318 -0.68 -38.87 -14.00
C PHE A 318 0.64 -39.45 -13.48
N ASN A 319 0.57 -40.45 -12.62
CA ASN A 319 1.80 -41.05 -12.12
C ASN A 319 2.65 -41.58 -13.26
N ASP A 320 2.04 -42.32 -14.18
CA ASP A 320 2.77 -42.84 -15.34
C ASP A 320 3.44 -41.72 -16.12
N ALA A 321 2.70 -40.64 -16.37
CA ALA A 321 3.25 -39.48 -17.10
C ALA A 321 4.45 -38.87 -16.37
N LEU A 322 4.52 -38.98 -15.05
CA LEU A 322 5.61 -38.40 -14.27
C LEU A 322 6.79 -39.35 -14.08
N ALA A 323 6.62 -40.61 -14.45
CA ALA A 323 7.51 -41.66 -13.97
C ALA A 323 8.95 -41.47 -14.45
N ASP A 324 9.13 -40.80 -15.59
CA ASP A 324 10.47 -40.54 -16.12
C ASP A 324 10.80 -39.04 -16.15
N ALA A 325 10.09 -38.22 -15.37
CA ALA A 325 10.34 -36.78 -15.41
C ALA A 325 11.72 -36.47 -14.84
N LYS A 326 12.36 -35.43 -15.40
CA LYS A 326 13.59 -34.91 -14.83
C LYS A 326 13.43 -33.53 -14.20
N THR A 327 12.33 -32.83 -14.48
CA THR A 327 11.96 -31.60 -13.80
C THR A 327 10.47 -31.64 -13.58
N VAL A 328 10.01 -31.30 -12.37
CA VAL A 328 8.58 -31.14 -12.11
C VAL A 328 8.39 -29.84 -11.33
N VAL A 329 7.42 -29.03 -11.77
CA VAL A 329 6.95 -27.86 -11.03
C VAL A 329 5.52 -28.12 -10.64
N TRP A 330 5.20 -28.01 -9.35
CA TRP A 330 3.85 -28.30 -8.85
C TRP A 330 3.27 -27.08 -8.17
N ASN A 331 2.14 -26.62 -8.66
CA ASN A 331 1.45 -25.49 -8.02
C ASN A 331 -0.05 -25.78 -8.02
N GLY A 332 -0.56 -26.20 -6.86
CA GLY A 332 -1.99 -26.34 -6.67
C GLY A 332 -2.41 -27.79 -6.46
N PRO A 333 -3.27 -28.01 -5.47
CA PRO A 333 -3.73 -29.38 -5.15
C PRO A 333 -4.70 -29.94 -6.18
N MET A 334 -4.82 -31.27 -6.19
CA MET A 334 -5.62 -31.98 -7.18
C MET A 334 -7.08 -32.11 -6.78
N GLY A 335 -7.41 -31.73 -5.54
CA GLY A 335 -8.73 -31.97 -4.99
C GLY A 335 -8.75 -31.38 -3.59
N VAL A 336 -9.87 -31.58 -2.89
CA VAL A 336 -10.01 -31.06 -1.53
C VAL A 336 -9.29 -32.00 -0.56
N PHE A 337 -7.95 -31.91 -0.51
CA PHE A 337 -7.16 -32.85 0.27
C PHE A 337 -7.38 -32.71 1.78
N GLU A 338 -7.97 -31.60 2.22
CA GLU A 338 -8.35 -31.46 3.63
C GLU A 338 -9.41 -32.46 4.06
N PHE A 339 -10.15 -33.03 3.11
CA PHE A 339 -11.16 -34.05 3.36
C PHE A 339 -10.56 -35.41 3.09
N PRO A 340 -10.45 -36.29 4.09
CA PRO A 340 -9.77 -37.59 3.86
C PRO A 340 -10.29 -38.39 2.66
N LYS A 341 -11.61 -38.51 2.47
CA LYS A 341 -12.18 -39.21 1.31
C LYS A 341 -11.78 -38.61 -0.02
N PHE A 342 -11.29 -37.37 -0.03
CA PHE A 342 -10.96 -36.69 -1.28
C PHE A 342 -9.49 -36.32 -1.36
N ALA A 343 -8.64 -37.01 -0.60
CA ALA A 343 -7.24 -36.63 -0.48
C ALA A 343 -6.32 -37.43 -1.40
N ASN A 344 -6.79 -38.59 -1.90
CA ASN A 344 -5.89 -39.53 -2.57
C ASN A 344 -5.22 -38.90 -3.79
N GLY A 345 -5.95 -38.06 -4.52
CA GLY A 345 -5.35 -37.38 -5.68
C GLY A 345 -4.11 -36.55 -5.32
N THR A 346 -4.23 -35.70 -4.31
CA THR A 346 -3.12 -34.84 -3.91
C THR A 346 -2.02 -35.64 -3.22
N VAL A 347 -2.40 -36.52 -2.31
CA VAL A 347 -1.38 -37.28 -1.57
C VAL A 347 -0.58 -38.17 -2.51
N SER A 348 -1.26 -38.82 -3.47
N SER A 348 -1.25 -38.81 -3.48
CA SER A 348 -0.56 -39.69 -4.41
CA SER A 348 -0.53 -39.69 -4.40
C SER A 348 0.43 -38.90 -5.25
C SER A 348 0.43 -38.91 -5.28
N ILE A 349 0.02 -37.74 -5.77
CA ILE A 349 0.92 -36.93 -6.58
C ILE A 349 2.08 -36.42 -5.75
N ALA A 350 1.80 -35.92 -4.54
CA ALA A 350 2.86 -35.48 -3.64
C ALA A 350 3.87 -36.59 -3.40
N ASN A 351 3.41 -37.82 -3.20
N ASN A 351 3.39 -37.81 -3.17
CA ASN A 351 4.36 -38.88 -2.91
CA ASN A 351 4.27 -38.94 -2.91
C ASN A 351 5.04 -39.41 -4.16
C ASN A 351 5.06 -39.33 -4.15
N THR A 352 4.42 -39.25 -5.33
CA THR A 352 5.15 -39.57 -6.56
C THR A 352 6.33 -38.61 -6.72
N LEU A 353 6.12 -37.31 -6.52
CA LEU A 353 7.23 -36.37 -6.65
C LEU A 353 8.31 -36.67 -5.62
N ALA A 354 7.89 -36.99 -4.40
CA ALA A 354 8.87 -37.34 -3.36
C ALA A 354 9.74 -38.51 -3.81
N GLY A 355 9.18 -39.47 -4.53
CA GLY A 355 9.99 -40.58 -5.02
C GLY A 355 10.83 -40.25 -6.23
N LEU A 356 10.50 -39.17 -6.93
CA LEU A 356 11.29 -38.75 -8.09
C LEU A 356 12.58 -38.04 -7.67
N THR A 357 12.55 -37.26 -6.59
CA THR A 357 13.73 -36.50 -6.17
C THR A 357 14.97 -37.36 -5.98
N PRO A 358 14.93 -38.48 -5.25
CA PRO A 358 16.15 -39.31 -5.14
C PRO A 358 16.61 -39.92 -6.45
N LYS A 359 15.79 -39.92 -7.51
CA LYS A 359 16.20 -40.51 -8.77
C LYS A 359 16.82 -39.49 -9.72
N GLY A 360 17.12 -38.28 -9.25
CA GLY A 360 17.73 -37.24 -10.06
C GLY A 360 16.78 -36.18 -10.56
N CYS A 361 15.48 -36.34 -10.33
CA CYS A 361 14.52 -35.38 -10.86
C CYS A 361 14.51 -34.14 -9.98
N ILE A 362 14.34 -32.98 -10.61
CA ILE A 362 14.28 -31.69 -9.90
C ILE A 362 12.80 -31.41 -9.59
N THR A 363 12.43 -31.42 -8.31
CA THR A 363 11.03 -31.25 -7.91
C THR A 363 10.87 -29.93 -7.18
N ILE A 364 10.01 -29.06 -7.71
CA ILE A 364 9.87 -27.67 -7.25
C ILE A 364 8.41 -27.44 -6.88
N ILE A 365 8.16 -26.97 -5.64
CA ILE A 365 6.80 -26.74 -5.15
C ILE A 365 6.58 -25.25 -4.94
N GLY A 366 5.38 -24.78 -5.29
CA GLY A 366 4.98 -23.40 -5.08
C GLY A 366 3.51 -23.22 -4.74
N GLY A 367 3.20 -22.33 -3.81
CA GLY A 367 1.83 -21.97 -3.49
C GLY A 367 1.44 -22.37 -2.08
N GLY A 368 0.61 -21.54 -1.44
CA GLY A 368 0.25 -21.78 -0.06
C GLY A 368 -0.40 -23.14 0.16
N ASP A 369 -1.34 -23.51 -0.72
CA ASP A 369 -2.06 -24.75 -0.53
C ASP A 369 -1.23 -25.97 -0.91
N SER A 370 -0.30 -25.84 -1.87
CA SER A 370 0.58 -26.96 -2.17
C SER A 370 1.55 -27.25 -1.03
N VAL A 371 1.97 -26.22 -0.28
CA VAL A 371 2.85 -26.46 0.86
C VAL A 371 2.06 -27.08 2.03
N ALA A 372 0.83 -26.61 2.27
CA ALA A 372 -0.03 -27.33 3.23
C ALA A 372 -0.32 -28.75 2.76
N ALA A 373 -0.36 -28.97 1.44
CA ALA A 373 -0.60 -30.31 0.92
C ALA A 373 0.61 -31.21 1.14
N VAL A 374 1.82 -30.71 0.87
CA VAL A 374 2.99 -31.58 1.05
C VAL A 374 3.22 -31.84 2.54
N GLU A 375 2.77 -30.93 3.41
CA GLU A 375 2.87 -31.24 4.84
C GLU A 375 1.87 -32.33 5.21
N GLN A 376 0.64 -32.21 4.74
CA GLN A 376 -0.38 -33.20 5.06
C GLN A 376 -0.05 -34.55 4.43
N ALA A 377 0.64 -34.55 3.29
CA ALA A 377 1.02 -35.77 2.60
C ALA A 377 2.33 -36.33 3.12
N GLY A 378 2.96 -35.68 4.08
CA GLY A 378 4.18 -36.20 4.67
C GLY A 378 5.41 -36.23 3.76
N VAL A 379 5.57 -35.22 2.89
CA VAL A 379 6.70 -35.16 1.97
C VAL A 379 7.39 -33.80 2.01
N ALA A 380 7.16 -33.03 3.08
CA ALA A 380 7.54 -31.61 3.05
C ALA A 380 9.06 -31.42 2.93
N GLU A 381 9.87 -32.37 3.40
CA GLU A 381 11.31 -32.25 3.26
C GLU A 381 11.84 -33.07 2.10
N LYS A 382 10.98 -33.63 1.26
CA LYS A 382 11.44 -34.60 0.29
C LYS A 382 11.60 -34.04 -1.13
N MET A 383 11.48 -32.73 -1.32
CA MET A 383 11.59 -32.10 -2.63
C MET A 383 12.95 -31.43 -2.82
N SER A 384 13.21 -31.03 -4.07
CA SER A 384 14.38 -30.21 -4.35
C SER A 384 14.22 -28.83 -3.74
N HIS A 385 13.07 -28.21 -3.94
CA HIS A 385 12.90 -26.80 -3.60
C HIS A 385 11.43 -26.54 -3.31
N ILE A 386 11.16 -25.87 -2.19
CA ILE A 386 9.84 -25.36 -1.86
C ILE A 386 9.99 -23.87 -1.66
N SER A 387 9.25 -23.08 -2.43
CA SER A 387 9.54 -21.66 -2.50
C SER A 387 9.08 -20.96 -1.23
N THR A 388 9.99 -20.16 -0.65
CA THR A 388 9.71 -19.44 0.59
C THR A 388 8.87 -18.19 0.38
N GLY A 389 8.82 -17.64 -0.84
CA GLY A 389 8.09 -16.41 -1.05
C GLY A 389 6.93 -16.59 -2.01
N GLY A 390 5.72 -16.70 -1.48
CA GLY A 390 4.54 -16.99 -2.29
C GLY A 390 4.25 -16.02 -3.42
N GLY A 391 4.11 -14.73 -3.09
CA GLY A 391 3.77 -13.75 -4.11
C GLY A 391 4.90 -13.46 -5.09
N ALA A 392 6.15 -13.61 -4.65
CA ALA A 392 7.24 -13.51 -5.59
C ALA A 392 7.38 -14.76 -6.46
N SER A 393 7.07 -15.94 -5.89
CA SER A 393 7.14 -17.19 -6.66
C SER A 393 6.30 -17.11 -7.91
N LEU A 394 5.05 -16.65 -7.78
CA LEU A 394 4.14 -16.62 -8.93
C LEU A 394 4.64 -15.66 -10.00
N GLU A 395 5.11 -14.47 -9.58
CA GLU A 395 5.55 -13.46 -10.55
C GLU A 395 6.80 -13.88 -11.29
N LEU A 396 7.67 -14.66 -10.65
CA LEU A 396 8.85 -15.16 -11.33
C LEU A 396 8.48 -16.29 -12.29
N LEU A 397 7.69 -17.27 -11.79
CA LEU A 397 7.10 -18.30 -12.64
C LEU A 397 6.19 -17.70 -13.70
N GLU A 398 5.89 -16.40 -13.61
CA GLU A 398 5.12 -15.66 -14.60
C GLU A 398 5.99 -15.08 -15.71
N GLY A 399 7.27 -14.87 -15.46
CA GLY A 399 8.16 -14.27 -16.43
C GLY A 399 8.29 -12.76 -16.34
N LYS A 400 7.70 -12.13 -15.33
CA LYS A 400 7.89 -10.70 -15.13
C LYS A 400 9.09 -10.47 -14.19
N VAL A 401 9.64 -9.26 -14.25
CA VAL A 401 10.91 -8.97 -13.61
C VAL A 401 10.69 -8.29 -12.27
N LEU A 402 11.45 -8.72 -11.29
CA LEU A 402 11.33 -8.31 -9.90
C LEU A 402 12.24 -7.11 -9.63
N PRO A 403 11.69 -5.99 -9.16
CA PRO A 403 12.53 -4.80 -8.94
C PRO A 403 13.68 -5.04 -7.99
N GLY A 404 13.47 -5.86 -6.96
CA GLY A 404 14.54 -6.19 -6.04
C GLY A 404 15.69 -6.94 -6.71
N VAL A 405 15.39 -7.80 -7.68
CA VAL A 405 16.46 -8.53 -8.37
C VAL A 405 17.16 -7.65 -9.40
N ALA A 406 16.38 -6.91 -10.18
CA ALA A 406 16.96 -6.12 -11.26
C ALA A 406 17.95 -5.09 -10.71
N ALA A 407 17.76 -4.64 -9.47
CA ALA A 407 18.64 -3.62 -8.91
C ALA A 407 20.03 -4.14 -8.56
N LEU A 408 20.22 -5.46 -8.48
CA LEU A 408 21.50 -6.02 -8.07
C LEU A 408 22.52 -5.97 -9.22
N ASP A 409 23.81 -6.05 -8.85
CA ASP A 409 24.88 -6.01 -9.84
C ASP A 409 24.81 -7.21 -10.78
N GLU A 410 25.22 -7.00 -12.02
CA GLU A 410 25.37 -8.13 -12.92
C GLU A 410 26.64 -8.89 -12.59
N LYS A 411 26.58 -10.21 -12.74
CA LYS A 411 27.74 -11.04 -12.46
C LYS A 411 28.88 -10.68 -13.43
N VAL B 11 5.33 26.17 -9.30
CA VAL B 11 6.14 25.65 -8.20
C VAL B 11 6.71 26.80 -7.38
N LYS B 12 6.35 26.86 -6.10
CA LYS B 12 6.70 28.00 -5.27
C LYS B 12 7.97 27.71 -4.48
N LYS B 13 8.70 28.77 -4.15
CA LYS B 13 9.84 28.69 -3.23
C LYS B 13 9.37 28.23 -1.85
N SER B 14 10.18 27.39 -1.21
CA SER B 14 9.84 26.87 0.10
C SER B 14 10.97 27.20 1.07
N VAL B 15 10.67 27.02 2.36
CA VAL B 15 11.63 27.41 3.39
C VAL B 15 12.89 26.57 3.28
N GLY B 16 12.77 25.35 2.73
CA GLY B 16 13.91 24.48 2.51
C GLY B 16 14.87 24.96 1.45
N ASP B 17 14.44 25.84 0.55
CA ASP B 17 15.33 26.41 -0.46
C ASP B 17 16.22 27.50 0.11
N LEU B 18 15.94 28.00 1.31
CA LEU B 18 16.69 29.10 1.90
C LEU B 18 17.94 28.60 2.64
N HIS B 19 19.02 29.35 2.52
CA HIS B 19 20.27 29.06 3.21
C HIS B 19 20.31 29.78 4.55
N LYS B 20 21.29 29.40 5.37
CA LYS B 20 21.49 30.11 6.64
C LYS B 20 21.72 31.60 6.40
N ALA B 21 22.44 31.97 5.33
CA ALA B 21 22.65 33.37 5.02
C ALA B 21 21.33 34.10 4.76
N ASP B 22 20.32 33.38 4.27
CA ASP B 22 19.01 33.98 4.01
C ASP B 22 18.18 34.18 5.28
N LEU B 23 18.56 33.53 6.38
CA LEU B 23 17.73 33.37 7.57
C LEU B 23 18.35 33.95 8.84
N GLU B 24 19.67 33.93 8.98
CA GLU B 24 20.30 34.25 10.25
C GLU B 24 20.09 35.73 10.58
N GLY B 25 19.57 36.01 11.77
CA GLY B 25 19.27 37.38 12.16
C GLY B 25 18.05 37.96 11.50
N LYS B 26 17.38 37.23 10.60
CA LYS B 26 16.19 37.73 9.91
C LYS B 26 14.96 37.58 10.78
N ARG B 27 14.09 38.59 10.71
CA ARG B 27 12.78 38.53 11.35
C ARG B 27 11.82 37.87 10.37
N VAL B 28 11.38 36.66 10.70
CA VAL B 28 10.59 35.83 9.79
C VAL B 28 9.16 35.76 10.33
N PHE B 29 8.25 36.35 9.58
CA PHE B 29 6.82 36.25 9.87
C PHE B 29 6.34 34.88 9.37
N VAL B 30 5.84 34.05 10.29
CA VAL B 30 5.36 32.72 9.96
C VAL B 30 3.86 32.66 10.25
N ARG B 31 3.09 32.27 9.24
CA ARG B 31 1.66 32.00 9.43
C ARG B 31 1.51 30.50 9.57
N ALA B 32 1.21 30.06 10.78
CA ALA B 32 1.07 28.64 11.07
C ALA B 32 -0.36 28.31 11.45
N ASP B 33 -0.68 27.02 11.47
CA ASP B 33 -2.01 26.51 11.82
C ASP B 33 -1.90 25.88 13.20
N LEU B 34 -2.27 26.63 14.25
CA LEU B 34 -2.27 26.10 15.61
C LEU B 34 -3.68 25.98 16.16
N ASN B 35 -4.67 25.85 15.29
CA ASN B 35 -6.07 25.88 15.71
C ASN B 35 -6.48 24.49 16.21
N VAL B 36 -5.91 24.09 17.33
CA VAL B 36 -6.11 22.76 17.90
C VAL B 36 -7.46 22.65 18.63
N PRO B 37 -8.04 21.45 18.73
CA PRO B 37 -9.25 21.28 19.53
C PRO B 37 -8.99 21.47 21.01
N LEU B 38 -9.90 22.17 21.68
CA LEU B 38 -9.78 22.45 23.11
C LEU B 38 -10.93 21.84 23.90
N ASP B 39 -10.62 21.39 25.11
CA ASP B 39 -11.65 21.04 26.07
C ASP B 39 -12.31 22.30 26.62
N LYS B 40 -13.60 22.48 26.34
CA LYS B 40 -14.29 23.72 26.71
C LYS B 40 -14.24 24.00 28.21
N ALA B 41 -14.14 22.97 29.05
CA ALA B 41 -14.17 23.21 30.48
C ALA B 41 -12.85 23.76 31.00
N THR B 42 -11.75 23.35 30.41
CA THR B 42 -10.45 23.68 30.97
C THR B 42 -9.51 24.30 29.95
N LEU B 43 -9.91 24.40 28.68
CA LEU B 43 -9.10 24.87 27.56
C LEU B 43 -7.81 24.06 27.38
N ALA B 44 -7.72 22.88 27.98
CA ALA B 44 -6.62 21.98 27.68
C ALA B 44 -6.75 21.45 26.26
N ILE B 45 -5.61 21.16 25.65
CA ILE B 45 -5.59 20.64 24.28
C ILE B 45 -5.98 19.18 24.30
N THR B 46 -6.96 18.81 23.46
CA THR B 46 -7.37 17.42 23.31
C THR B 46 -6.76 16.73 22.08
N ASP B 47 -6.06 17.47 21.23
CA ASP B 47 -5.36 16.91 20.08
C ASP B 47 -4.34 17.93 19.59
N ASP B 48 -3.05 17.67 19.82
CA ASP B 48 -1.98 18.59 19.47
C ASP B 48 -1.35 18.29 18.11
N THR B 49 -2.02 17.48 17.28
CA THR B 49 -1.49 17.13 15.95
C THR B 49 -1.02 18.36 15.19
N ARG B 50 -1.87 19.37 15.09
CA ARG B 50 -1.52 20.60 14.34
C ARG B 50 -0.25 21.26 14.89
N ILE B 51 -0.04 21.17 16.19
CA ILE B 51 1.17 21.76 16.77
C ILE B 51 2.40 20.94 16.41
N ARG B 52 2.33 19.61 16.59
CA ARG B 52 3.39 18.73 16.11
C ARG B 52 3.69 19.00 14.65
N ALA B 53 2.66 19.21 13.85
CA ALA B 53 2.86 19.34 12.41
C ALA B 53 3.58 20.64 12.07
N ALA B 54 3.47 21.66 12.94
CA ALA B 54 4.07 22.95 12.64
C ALA B 54 5.53 23.02 13.07
N VAL B 55 5.98 22.07 13.89
CA VAL B 55 7.34 22.14 14.45
C VAL B 55 8.44 22.12 13.39
N PRO B 56 8.44 21.19 12.40
CA PRO B 56 9.60 21.13 11.48
C PRO B 56 9.96 22.45 10.81
N THR B 57 8.98 23.25 10.39
CA THR B 57 9.31 24.56 9.84
C THR B 57 9.98 25.45 10.88
N LEU B 58 9.43 25.47 12.09
CA LEU B 58 9.96 26.36 13.11
C LEU B 58 11.37 25.96 13.53
N LYS B 59 11.59 24.65 13.69
CA LYS B 59 12.90 24.18 14.13
C LYS B 59 13.97 24.54 13.09
N TYR B 60 13.62 24.40 11.82
CA TYR B 60 14.56 24.74 10.76
C TYR B 60 14.91 26.21 10.78
N LEU B 61 13.90 27.08 10.93
CA LEU B 61 14.16 28.52 10.97
C LEU B 61 15.04 28.89 12.18
N LEU B 62 14.69 28.36 13.35
CA LEU B 62 15.41 28.73 14.57
C LEU B 62 16.82 28.17 14.57
N ASP B 63 17.00 26.93 14.07
CA ASP B 63 18.34 26.34 13.96
C ASP B 63 19.24 27.15 13.04
N ASN B 64 18.66 27.89 12.10
CA ASN B 64 19.45 28.74 11.23
C ASN B 64 19.54 30.17 11.74
N GLY B 65 19.13 30.43 12.97
CA GLY B 65 19.35 31.73 13.58
C GLY B 65 18.34 32.79 13.25
N ALA B 66 17.16 32.42 12.71
CA ALA B 66 16.08 33.38 12.47
C ALA B 66 15.47 33.86 13.79
N LYS B 67 14.84 35.03 13.72
CA LYS B 67 13.96 35.54 14.78
C LYS B 67 12.54 35.33 14.29
N VAL B 68 11.84 34.32 14.84
CA VAL B 68 10.55 33.91 14.29
C VAL B 68 9.44 34.70 14.96
N LEU B 69 8.60 35.34 14.16
N LEU B 69 8.61 35.35 14.17
CA LEU B 69 7.36 35.97 14.64
CA LEU B 69 7.37 35.98 14.63
C LEU B 69 6.23 35.05 14.21
C LEU B 69 6.24 35.06 14.20
N LEU B 70 5.71 34.27 15.16
CA LEU B 70 4.72 33.25 14.85
C LEU B 70 3.30 33.78 15.04
N THR B 71 2.44 33.57 14.04
CA THR B 71 1.05 34.01 14.12
C THR B 71 0.12 32.87 13.76
N SER B 72 -1.08 32.94 14.30
CA SER B 72 -2.08 31.90 14.08
C SER B 72 -3.42 32.45 14.58
N HIS B 73 -4.45 31.64 14.45
CA HIS B 73 -5.75 31.91 15.04
C HIS B 73 -6.15 30.69 15.83
N LEU B 74 -7.11 30.85 16.74
CA LEU B 74 -7.57 29.75 17.57
C LEU B 74 -9.04 29.94 17.86
N GLY B 75 -9.84 28.91 17.59
CA GLY B 75 -11.28 28.97 17.82
C GLY B 75 -12.10 28.54 16.62
N LYS B 84 -13.50 33.24 18.95
CA LYS B 84 -12.05 33.49 18.93
C LYS B 84 -11.44 33.41 20.34
N TYR B 85 -10.20 32.92 20.44
CA TYR B 85 -9.52 32.73 21.71
C TYR B 85 -8.13 33.34 21.66
N ARG B 86 -7.67 33.86 22.79
CA ARG B 86 -6.24 34.14 22.91
C ARG B 86 -5.44 32.86 22.65
N LEU B 87 -4.18 33.03 22.25
CA LEU B 87 -3.38 31.86 21.90
C LEU B 87 -2.78 31.17 23.10
N THR B 88 -3.04 31.67 24.32
CA THR B 88 -2.60 31.03 25.56
C THR B 88 -2.68 29.51 25.57
N PRO B 89 -3.79 28.86 25.18
CA PRO B 89 -3.85 27.40 25.33
C PRO B 89 -2.75 26.64 24.61
N VAL B 90 -2.14 27.22 23.58
CA VAL B 90 -1.14 26.47 22.78
C VAL B 90 0.28 26.77 23.18
N VAL B 91 0.51 27.75 24.06
CA VAL B 91 1.86 28.28 24.29
C VAL B 91 2.76 27.19 24.86
N ALA B 92 2.31 26.50 25.90
CA ALA B 92 3.22 25.60 26.59
C ALA B 92 3.45 24.33 25.81
N ARG B 93 2.42 23.80 25.14
CA ARG B 93 2.62 22.62 24.30
C ARG B 93 3.58 22.92 23.14
N LEU B 94 3.42 24.09 22.53
CA LEU B 94 4.35 24.51 21.48
C LEU B 94 5.78 24.50 22.00
N SER B 95 6.01 25.08 23.17
CA SER B 95 7.37 25.14 23.69
C SER B 95 7.90 23.74 23.99
N GLU B 96 7.06 22.87 24.55
CA GLU B 96 7.47 21.49 24.83
C GLU B 96 7.89 20.80 23.55
N LEU B 97 7.06 20.91 22.49
CA LEU B 97 7.35 20.18 21.26
C LEU B 97 8.52 20.81 20.51
N LEU B 98 8.75 22.11 20.69
CA LEU B 98 9.91 22.77 20.09
C LEU B 98 11.21 22.48 20.80
N GLY B 99 11.17 22.20 22.11
CA GLY B 99 12.40 22.17 22.88
C GLY B 99 13.04 23.53 23.09
N LYS B 100 12.27 24.61 22.98
CA LYS B 100 12.73 25.99 23.06
C LYS B 100 11.66 26.84 23.72
N PRO B 101 12.04 27.89 24.43
CA PRO B 101 11.03 28.78 25.01
C PRO B 101 10.19 29.46 23.94
N VAL B 102 8.96 29.80 24.32
CA VAL B 102 8.04 30.53 23.46
C VAL B 102 7.68 31.80 24.22
N THR B 103 8.11 32.94 23.69
CA THR B 103 7.75 34.22 24.29
C THR B 103 6.44 34.69 23.65
N LYS B 104 5.47 35.02 24.48
CA LYS B 104 4.17 35.48 24.01
C LYS B 104 4.14 37.01 24.05
N VAL B 105 3.56 37.62 23.01
CA VAL B 105 3.22 39.04 23.00
C VAL B 105 1.70 39.15 22.89
N ASP B 106 1.12 40.10 23.61
CA ASP B 106 -0.33 40.16 23.71
C ASP B 106 -0.97 41.02 22.62
N ASP B 107 -0.24 41.30 21.54
CA ASP B 107 -0.80 41.94 20.36
C ASP B 107 -0.09 41.35 19.17
N CYS B 108 -0.54 41.70 17.98
CA CYS B 108 0.20 41.31 16.79
C CYS B 108 0.67 42.50 15.98
N ILE B 109 0.31 43.72 16.37
CA ILE B 109 0.83 44.95 15.78
C ILE B 109 1.13 45.95 16.89
N GLY B 110 1.82 47.03 16.52
CA GLY B 110 1.98 48.16 17.41
C GLY B 110 3.22 48.12 18.31
N PRO B 111 3.28 49.06 19.27
CA PRO B 111 4.52 49.26 20.02
C PRO B 111 4.95 48.06 20.86
N GLU B 112 4.01 47.27 21.37
CA GLU B 112 4.41 46.13 22.18
C GLU B 112 5.09 45.06 21.35
N VAL B 113 4.62 44.83 20.13
CA VAL B 113 5.32 43.90 19.25
C VAL B 113 6.71 44.45 18.91
N GLU B 114 6.80 45.75 18.62
CA GLU B 114 8.09 46.31 18.26
C GLU B 114 9.09 46.18 19.41
N LYS B 115 8.65 46.46 20.63
CA LYS B 115 9.52 46.27 21.79
C LYS B 115 9.97 44.82 21.91
N ALA B 116 9.02 43.88 21.81
CA ALA B 116 9.37 42.48 22.02
C ALA B 116 10.32 41.98 20.94
N VAL B 117 10.08 42.37 19.68
CA VAL B 117 10.97 41.97 18.58
C VAL B 117 12.35 42.57 18.78
N GLY B 118 12.39 43.84 19.20
CA GLY B 118 13.64 44.52 19.43
C GLY B 118 14.52 43.85 20.47
N ALA B 119 13.90 43.11 21.39
CA ALA B 119 14.63 42.41 22.45
C ALA B 119 14.93 40.94 22.12
N MET B 120 14.48 40.42 20.97
CA MET B 120 14.73 39.03 20.61
C MET B 120 16.18 38.80 20.24
N LYS B 121 16.62 37.55 20.38
CA LYS B 121 17.92 37.09 19.87
C LYS B 121 17.73 36.09 18.74
N ASN B 122 18.78 35.93 17.93
CA ASN B 122 18.78 34.91 16.88
C ASN B 122 18.41 33.56 17.46
N GLY B 123 17.51 32.86 16.77
CA GLY B 123 17.09 31.56 17.24
C GLY B 123 16.04 31.57 18.33
N GLU B 124 15.31 32.67 18.49
CA GLU B 124 14.20 32.74 19.42
C GLU B 124 12.89 32.92 18.65
N LEU B 125 11.79 32.53 19.32
CA LEU B 125 10.46 32.56 18.74
C LEU B 125 9.54 33.41 19.60
N LEU B 126 8.87 34.38 18.95
CA LEU B 126 7.79 35.17 19.54
C LEU B 126 6.46 34.67 19.01
N LEU B 127 5.49 34.43 19.89
CA LEU B 127 4.13 34.17 19.46
C LEU B 127 3.30 35.44 19.63
N LEU B 128 2.81 35.99 18.52
CA LEU B 128 1.93 37.16 18.57
C LEU B 128 0.50 36.73 18.86
N GLU B 129 -0.27 37.64 19.45
CA GLU B 129 -1.68 37.36 19.74
C GLU B 129 -2.45 37.07 18.46
N ASN B 130 -3.53 36.28 18.61
CA ASN B 130 -4.47 35.88 17.57
C ASN B 130 -4.76 37.02 16.61
N VAL B 131 -4.33 36.89 15.33
CA VAL B 131 -4.47 37.96 14.35
C VAL B 131 -5.94 38.31 14.12
N ARG B 132 -6.85 37.36 14.33
CA ARG B 132 -8.25 37.62 14.00
C ARG B 132 -8.97 38.44 15.06
N PHE B 133 -8.28 38.88 16.12
CA PHE B 133 -8.86 39.88 17.01
C PHE B 133 -9.05 41.21 16.29
N TYR B 134 -8.40 41.40 15.14
CA TYR B 134 -8.56 42.58 14.31
C TYR B 134 -9.51 42.27 13.16
N LYS B 135 -10.59 43.03 13.05
CA LYS B 135 -11.54 42.80 11.95
C LYS B 135 -10.87 42.99 10.59
N GLU B 136 -9.78 43.76 10.54
CA GLU B 136 -9.04 43.98 9.30
C GLU B 136 -8.30 42.72 8.84
N GLU B 137 -8.00 41.77 9.73
CA GLU B 137 -7.35 40.53 9.31
C GLU B 137 -8.14 39.83 8.21
N GLU B 138 -9.39 39.47 8.50
CA GLU B 138 -10.23 38.78 7.52
C GLU B 138 -10.64 39.67 6.35
N LYS B 139 -10.62 40.99 6.51
CA LYS B 139 -10.89 41.85 5.36
C LYS B 139 -9.66 42.07 4.50
N ASN B 140 -8.48 41.62 4.92
CA ASN B 140 -7.24 41.82 4.15
C ASN B 140 -6.99 43.31 3.89
N GLU B 141 -7.26 44.13 4.88
CA GLU B 141 -7.16 45.57 4.68
C GLU B 141 -5.68 45.96 4.57
N PRO B 142 -5.30 46.72 3.53
CA PRO B 142 -3.86 46.95 3.28
C PRO B 142 -3.12 47.62 4.42
N GLU B 143 -3.72 48.62 5.07
CA GLU B 143 -3.01 49.31 6.14
C GLU B 143 -2.69 48.36 7.29
N PHE B 144 -3.66 47.54 7.70
CA PHE B 144 -3.39 46.56 8.75
C PHE B 144 -2.26 45.61 8.34
N ALA B 145 -2.32 45.10 7.11
CA ALA B 145 -1.29 44.18 6.65
C ALA B 145 0.09 44.81 6.72
N LYS B 146 0.20 46.11 6.38
CA LYS B 146 1.48 46.80 6.51
C LYS B 146 1.95 46.82 7.96
N LYS B 147 1.04 47.09 8.88
CA LYS B 147 1.40 47.09 10.30
C LYS B 147 1.77 45.69 10.77
N LEU B 148 1.04 44.67 10.28
CA LEU B 148 1.38 43.28 10.58
C LEU B 148 2.77 42.91 10.10
N ALA B 149 3.21 43.47 8.98
CA ALA B 149 4.52 43.18 8.41
C ALA B 149 5.63 44.10 8.92
N ALA B 150 5.29 45.17 9.67
CA ALA B 150 6.25 46.21 10.00
C ALA B 150 7.44 45.72 10.81
N ASN B 151 7.30 44.62 11.55
CA ASN B 151 8.41 44.17 12.37
C ASN B 151 9.05 42.89 11.86
N ALA B 152 8.89 42.60 10.56
CA ALA B 152 9.40 41.37 9.96
C ALA B 152 10.13 41.68 8.68
N ASP B 153 10.98 40.76 8.25
CA ASP B 153 11.71 40.91 7.00
C ASP B 153 11.22 39.96 5.91
N LEU B 154 10.89 38.72 6.24
CA LEU B 154 10.43 37.80 5.21
C LEU B 154 9.27 36.99 5.76
N TYR B 155 8.66 36.19 4.88
CA TYR B 155 7.38 35.59 5.16
C TYR B 155 7.38 34.10 4.86
N VAL B 156 6.83 33.30 5.77
CA VAL B 156 6.63 31.87 5.53
C VAL B 156 5.16 31.57 5.79
N ASN B 157 4.49 30.99 4.78
CA ASN B 157 3.13 30.47 4.96
C ASN B 157 3.21 28.98 5.22
N ASP B 158 2.88 28.55 6.43
CA ASP B 158 2.82 27.12 6.75
C ASP B 158 1.41 26.67 7.16
N ALA B 159 0.36 27.37 6.68
CA ALA B 159 -1.01 27.11 7.12
C ALA B 159 -1.88 26.86 5.89
N PHE B 160 -1.72 25.67 5.30
CA PHE B 160 -2.48 25.34 4.10
C PHE B 160 -3.98 25.49 4.34
N GLY B 161 -4.45 25.14 5.54
CA GLY B 161 -5.87 25.23 5.86
C GLY B 161 -6.49 26.61 5.75
N THR B 162 -5.69 27.67 5.75
CA THR B 162 -6.22 29.01 5.54
C THR B 162 -5.72 29.65 4.24
N ALA B 163 -4.97 28.90 3.43
CA ALA B 163 -4.38 29.48 2.22
C ALA B 163 -5.39 29.67 1.08
N HIS B 164 -6.61 29.17 1.23
CA HIS B 164 -7.64 29.42 0.22
C HIS B 164 -8.40 30.72 0.44
N ARG B 165 -8.09 31.47 1.49
CA ARG B 165 -8.71 32.76 1.77
C ARG B 165 -7.65 33.87 1.74
N ALA B 166 -8.07 35.06 1.30
CA ALA B 166 -7.18 36.23 1.22
C ALA B 166 -7.33 37.03 2.50
N HIS B 167 -6.49 36.75 3.48
CA HIS B 167 -6.42 37.50 4.73
C HIS B 167 -5.08 38.23 4.81
N ALA B 168 -4.99 39.19 5.74
CA ALA B 168 -3.74 39.93 5.87
C ALA B 168 -2.57 38.99 6.18
N SER B 169 -2.74 38.11 7.16
CA SER B 169 -1.68 37.18 7.57
C SER B 169 -1.43 36.06 6.54
N THR B 170 -2.33 35.86 5.57
CA THR B 170 -2.16 34.82 4.54
C THR B 170 -1.79 35.36 3.18
N GLU B 171 -1.86 36.68 2.99
CA GLU B 171 -1.77 37.24 1.64
C GLU B 171 -1.29 38.69 1.68
N GLY B 172 -1.97 39.54 2.43
CA GLY B 172 -1.66 40.97 2.38
C GLY B 172 -0.24 41.30 2.83
N VAL B 173 0.25 40.62 3.88
CA VAL B 173 1.58 40.93 4.39
C VAL B 173 2.65 40.64 3.36
N THR B 174 2.39 39.71 2.43
CA THR B 174 3.41 39.36 1.45
C THR B 174 3.74 40.53 0.52
N LYS B 175 2.84 41.50 0.40
CA LYS B 175 3.19 42.69 -0.37
C LYS B 175 4.31 43.51 0.30
N PHE B 176 4.62 43.29 1.58
CA PHE B 176 5.62 44.06 2.30
C PHE B 176 6.78 43.23 2.84
N LEU B 177 6.91 41.98 2.41
CA LEU B 177 7.96 41.09 2.89
C LEU B 177 8.54 40.34 1.70
N LYS B 178 9.80 39.97 1.80
CA LYS B 178 10.41 39.13 0.78
C LYS B 178 11.65 38.46 1.36
N PRO B 179 11.95 37.21 0.94
CA PRO B 179 11.06 36.41 0.08
C PRO B 179 9.75 35.98 0.78
N SER B 180 8.79 35.45 0.02
CA SER B 180 7.59 34.83 0.57
C SER B 180 7.59 33.38 0.13
N VAL B 181 7.68 32.47 1.10
CA VAL B 181 7.89 31.06 0.81
C VAL B 181 6.90 30.20 1.58
N ALA B 182 6.75 28.96 1.10
CA ALA B 182 5.93 27.95 1.76
C ALA B 182 6.73 27.24 2.85
N GLY B 183 6.09 26.98 3.99
CA GLY B 183 6.70 26.14 4.99
C GLY B 183 6.68 24.69 4.53
N PHE B 184 7.30 23.84 5.34
CA PHE B 184 7.41 22.44 4.95
C PHE B 184 6.04 21.76 4.85
N LEU B 185 5.12 22.12 5.75
CA LEU B 185 3.80 21.48 5.75
C LEU B 185 3.00 21.90 4.54
N LEU B 186 3.03 23.18 4.21
CA LEU B 186 2.29 23.67 3.05
C LEU B 186 2.91 23.15 1.75
N GLN B 187 4.23 23.04 1.69
CA GLN B 187 4.87 22.51 0.49
C GLN B 187 4.45 21.07 0.24
N LYS B 188 4.39 20.26 1.29
CA LYS B 188 3.92 18.88 1.17
C LYS B 188 2.50 18.81 0.61
N GLU B 189 1.60 19.66 1.11
CA GLU B 189 0.25 19.73 0.57
C GLU B 189 0.23 20.02 -0.93
N LEU B 190 1.08 20.96 -1.36
CA LEU B 190 1.14 21.30 -2.79
C LEU B 190 1.75 20.16 -3.60
N ASP B 191 2.81 19.54 -3.09
CA ASP B 191 3.42 18.40 -3.77
C ASP B 191 2.40 17.30 -4.06
N TYR B 192 1.53 16.99 -3.11
CA TYR B 192 0.60 15.88 -3.30
C TYR B 192 -0.69 16.33 -3.97
N LEU B 193 -1.33 17.39 -3.46
CA LEU B 193 -2.63 17.78 -4.01
C LEU B 193 -2.50 18.50 -5.33
N ASP B 194 -1.33 19.06 -5.65
CA ASP B 194 -1.13 19.71 -6.94
C ASP B 194 -0.19 18.91 -7.83
N GLY B 195 1.08 18.73 -7.42
CA GLY B 195 2.06 18.10 -8.30
C GLY B 195 1.74 16.64 -8.64
N ALA B 196 1.36 15.86 -7.64
CA ALA B 196 1.09 14.44 -7.89
C ALA B 196 -0.21 14.21 -8.68
N VAL B 197 -1.11 15.18 -8.70
CA VAL B 197 -2.36 15.10 -9.47
C VAL B 197 -2.17 15.61 -10.89
N SER B 198 -1.44 16.73 -11.05
CA SER B 198 -1.22 17.35 -12.35
C SER B 198 -0.26 16.57 -13.23
N ASN B 199 0.70 15.89 -12.62
N ASN B 199 0.71 15.90 -12.63
CA ASN B 199 1.65 15.03 -13.34
CA ASN B 199 1.66 15.04 -13.34
C ASN B 199 1.58 13.64 -12.72
C ASN B 199 1.59 13.64 -12.73
N PRO B 200 0.49 12.91 -12.97
CA PRO B 200 0.22 11.71 -12.17
C PRO B 200 0.99 10.50 -12.64
N LYS B 201 1.39 9.67 -11.68
CA LYS B 201 1.80 8.31 -11.97
C LYS B 201 0.55 7.47 -12.20
N ARG B 202 0.47 6.84 -13.36
CA ARG B 202 -0.74 6.17 -13.84
C ARG B 202 -0.66 4.67 -13.61
N PRO B 203 -1.81 3.96 -13.45
CA PRO B 203 -3.19 4.44 -13.50
C PRO B 203 -3.56 5.38 -12.36
N PHE B 204 -4.22 6.48 -12.70
CA PHE B 204 -4.68 7.47 -11.74
C PHE B 204 -6.20 7.33 -11.58
N VAL B 205 -6.64 6.89 -10.39
CA VAL B 205 -8.05 6.77 -10.03
C VAL B 205 -8.38 7.83 -9.00
N ALA B 206 -9.44 8.58 -9.25
CA ALA B 206 -9.99 9.46 -8.23
C ALA B 206 -11.28 8.85 -7.69
N ILE B 207 -11.50 9.04 -6.39
CA ILE B 207 -12.69 8.58 -5.68
C ILE B 207 -13.35 9.82 -5.10
N VAL B 208 -14.57 10.10 -5.54
CA VAL B 208 -15.29 11.29 -5.10
C VAL B 208 -16.63 10.84 -4.53
N GLY B 209 -16.90 11.21 -3.28
CA GLY B 209 -18.16 10.92 -2.64
C GLY B 209 -18.73 12.18 -2.02
N GLY B 210 -20.02 12.12 -1.76
CA GLY B 210 -20.69 13.24 -1.13
C GLY B 210 -22.17 13.00 -1.16
N SER B 211 -22.89 13.83 -0.41
CA SER B 211 -24.34 13.70 -0.38
C SER B 211 -25.02 14.46 -1.51
N LYS B 212 -24.41 15.54 -2.01
CA LYS B 212 -25.00 16.38 -3.04
C LYS B 212 -24.04 16.54 -4.20
N VAL B 213 -24.51 16.27 -5.42
CA VAL B 213 -23.66 16.49 -6.58
C VAL B 213 -23.34 17.97 -6.75
N SER B 214 -24.21 18.85 -6.25
CA SER B 214 -23.95 20.28 -6.38
C SER B 214 -22.63 20.69 -5.71
N SER B 215 -22.28 20.05 -4.59
CA SER B 215 -21.03 20.39 -3.89
C SER B 215 -19.81 19.71 -4.49
N LYS B 216 -19.97 18.70 -5.34
CA LYS B 216 -18.83 17.95 -5.85
C LYS B 216 -18.62 18.10 -7.35
N ILE B 217 -19.53 18.75 -8.07
CA ILE B 217 -19.43 18.70 -9.52
C ILE B 217 -18.14 19.36 -9.99
N THR B 218 -17.73 20.44 -9.33
CA THR B 218 -16.50 21.11 -9.77
C THR B 218 -15.29 20.20 -9.59
N VAL B 219 -15.20 19.47 -8.48
CA VAL B 219 -13.99 18.65 -8.36
C VAL B 219 -14.05 17.46 -9.31
N ILE B 220 -15.25 16.92 -9.58
CA ILE B 220 -15.38 15.84 -10.54
C ILE B 220 -14.88 16.28 -11.91
N GLU B 221 -15.30 17.47 -12.35
CA GLU B 221 -14.88 17.96 -13.66
C GLU B 221 -13.38 18.21 -13.72
N ALA B 222 -12.80 18.75 -12.64
CA ALA B 222 -11.38 19.04 -12.63
C ALA B 222 -10.58 17.75 -12.73
N LEU B 223 -10.97 16.73 -11.96
CA LEU B 223 -10.24 15.48 -11.97
C LEU B 223 -10.46 14.71 -13.27
N MET B 224 -11.54 14.98 -13.98
CA MET B 224 -11.79 14.29 -15.23
C MET B 224 -10.76 14.66 -16.30
N GLU B 225 -10.08 15.80 -16.14
CA GLU B 225 -9.01 16.18 -17.06
C GLU B 225 -7.75 15.35 -16.88
N LYS B 226 -7.57 14.66 -15.75
CA LYS B 226 -6.33 13.97 -15.43
C LYS B 226 -6.48 12.47 -15.20
N CYS B 227 -7.63 12.02 -14.71
CA CYS B 227 -7.76 10.65 -14.19
C CYS B 227 -7.92 9.64 -15.31
N ASP B 228 -7.41 8.42 -15.07
CA ASP B 228 -7.81 7.28 -15.88
C ASP B 228 -9.24 6.83 -15.56
N LYS B 229 -9.60 6.86 -14.29
CA LYS B 229 -10.88 6.38 -13.82
C LYS B 229 -11.34 7.27 -12.69
N ILE B 230 -12.66 7.40 -12.54
CA ILE B 230 -13.22 8.08 -11.37
C ILE B 230 -14.31 7.19 -10.80
N ILE B 231 -14.19 6.89 -9.51
CA ILE B 231 -15.21 6.18 -8.73
C ILE B 231 -16.08 7.23 -8.02
N ILE B 232 -17.39 7.11 -8.14
CA ILE B 232 -18.35 8.05 -7.55
C ILE B 232 -19.17 7.28 -6.51
N GLY B 233 -19.21 7.80 -5.27
CA GLY B 233 -20.02 7.22 -4.22
C GLY B 233 -20.78 8.25 -3.40
N GLY B 234 -21.39 7.83 -2.30
CA GLY B 234 -22.16 8.75 -1.48
C GLY B 234 -23.57 8.94 -2.01
N GLY B 235 -24.36 9.73 -1.25
CA GLY B 235 -25.77 9.94 -1.58
C GLY B 235 -25.99 10.62 -2.92
N MET B 236 -24.99 11.30 -3.44
CA MET B 236 -25.19 11.99 -4.71
C MET B 236 -25.38 11.04 -5.90
N ILE B 237 -25.09 9.74 -5.75
CA ILE B 237 -25.30 8.82 -6.86
C ILE B 237 -26.77 8.79 -7.27
N PHE B 238 -27.69 9.06 -6.34
CA PHE B 238 -29.10 8.93 -6.70
C PHE B 238 -29.56 10.04 -7.63
N THR B 239 -28.88 11.18 -7.64
CA THR B 239 -29.15 12.18 -8.67
C THR B 239 -28.69 11.67 -10.03
N PHE B 240 -27.52 11.04 -10.10
CA PHE B 240 -27.13 10.37 -11.34
C PHE B 240 -28.15 9.31 -11.74
N TYR B 241 -28.54 8.44 -10.80
CA TYR B 241 -29.48 7.38 -11.16
C TYR B 241 -30.82 7.94 -11.63
N LYS B 242 -31.31 8.99 -10.95
CA LYS B 242 -32.51 9.64 -11.44
C LYS B 242 -32.30 10.22 -12.84
N ALA B 243 -31.13 10.80 -13.09
CA ALA B 243 -30.83 11.29 -14.43
C ALA B 243 -30.77 10.17 -15.45
N ARG B 244 -30.45 8.93 -15.02
CA ARG B 244 -30.52 7.81 -15.94
C ARG B 244 -31.94 7.32 -16.18
N GLY B 245 -32.93 7.87 -15.47
CA GLY B 245 -34.31 7.41 -15.58
C GLY B 245 -34.73 6.40 -14.54
N LEU B 246 -33.86 6.04 -13.59
CA LEU B 246 -34.16 5.02 -12.59
C LEU B 246 -34.98 5.58 -11.42
N LYS B 247 -35.74 4.73 -10.76
CA LYS B 247 -36.37 5.10 -9.49
C LYS B 247 -35.34 5.02 -8.36
N VAL B 248 -35.50 5.88 -7.35
CA VAL B 248 -34.47 6.00 -6.30
C VAL B 248 -35.11 6.04 -4.91
N GLY B 249 -36.36 5.56 -4.83
CA GLY B 249 -37.08 5.52 -3.57
C GLY B 249 -37.18 6.89 -2.94
N SER B 250 -36.94 6.95 -1.64
CA SER B 250 -36.94 8.20 -0.89
C SER B 250 -35.54 8.82 -0.78
N SER B 251 -34.54 8.28 -1.51
CA SER B 251 -33.21 8.86 -1.49
C SER B 251 -33.25 10.33 -1.91
N LEU B 252 -32.57 11.19 -1.14
CA LEU B 252 -32.52 12.60 -1.46
C LEU B 252 -31.81 12.82 -2.78
N VAL B 253 -32.37 13.72 -3.62
CA VAL B 253 -31.80 14.07 -4.92
C VAL B 253 -31.91 15.58 -5.12
N GLU B 254 -31.13 16.09 -6.07
CA GLU B 254 -31.20 17.50 -6.50
C GLU B 254 -31.75 17.53 -7.92
N ASP B 255 -33.06 17.75 -8.03
CA ASP B 255 -33.70 17.79 -9.35
C ASP B 255 -33.04 18.82 -10.25
N ASP B 256 -32.57 19.93 -9.68
CA ASP B 256 -31.94 20.95 -10.51
C ASP B 256 -30.59 20.53 -11.04
N LYS B 257 -30.03 19.41 -10.60
CA LYS B 257 -28.73 18.97 -11.09
C LYS B 257 -28.82 17.75 -11.98
N ILE B 258 -30.05 17.35 -12.34
CA ILE B 258 -30.27 16.14 -13.13
C ILE B 258 -29.63 16.28 -14.51
N GLU B 259 -29.82 17.43 -15.17
CA GLU B 259 -29.23 17.58 -16.49
C GLU B 259 -27.70 17.60 -16.44
N LEU B 260 -27.13 18.32 -15.47
CA LEU B 260 -25.68 18.34 -15.31
C LEU B 260 -25.12 16.94 -15.04
N ALA B 261 -25.87 16.11 -14.32
CA ALA B 261 -25.41 14.74 -14.08
C ALA B 261 -25.31 13.95 -15.38
N LYS B 262 -26.33 14.06 -16.23
CA LYS B 262 -26.24 13.47 -17.57
C LYS B 262 -25.01 13.96 -18.31
N LYS B 263 -24.75 15.28 -18.24
CA LYS B 263 -23.61 15.83 -18.97
C LYS B 263 -22.29 15.28 -18.43
N LEU B 264 -22.19 15.08 -17.11
CA LEU B 264 -20.96 14.54 -16.53
C LEU B 264 -20.64 13.14 -17.06
N GLU B 265 -21.64 12.27 -17.16
CA GLU B 265 -21.37 10.90 -17.61
C GLU B 265 -20.98 10.89 -19.07
N GLU B 266 -21.57 11.77 -19.87
CA GLU B 266 -21.14 11.92 -21.27
C GLU B 266 -19.74 12.52 -21.37
N MET B 267 -19.41 13.50 -20.52
CA MET B 267 -18.07 14.09 -20.57
C MET B 267 -17.00 13.04 -20.30
N ALA B 268 -17.20 12.18 -19.30
CA ALA B 268 -16.22 11.13 -19.00
C ALA B 268 -15.95 10.27 -20.24
N LYS B 269 -17.01 9.85 -20.94
CA LYS B 269 -16.83 9.08 -22.16
C LYS B 269 -16.05 9.88 -23.21
N ALA B 270 -16.36 11.18 -23.34
CA ALA B 270 -15.63 12.01 -24.31
C ALA B 270 -14.17 12.17 -23.92
N LYS B 271 -13.86 12.16 -22.63
CA LYS B 271 -12.49 12.42 -22.17
C LYS B 271 -11.68 11.16 -21.95
N GLY B 272 -12.25 9.98 -22.21
CA GLY B 272 -11.54 8.74 -22.02
C GLY B 272 -11.43 8.27 -20.58
N VAL B 273 -12.30 8.76 -19.69
CA VAL B 273 -12.28 8.41 -18.27
C VAL B 273 -13.29 7.29 -18.03
N GLN B 274 -12.84 6.20 -17.42
CA GLN B 274 -13.78 5.21 -16.93
C GLN B 274 -14.48 5.77 -15.69
N LEU B 275 -15.75 6.09 -15.83
CA LEU B 275 -16.56 6.59 -14.72
C LEU B 275 -17.34 5.41 -14.14
N LEU B 276 -17.14 5.16 -12.84
N LEU B 276 -17.11 5.14 -12.85
CA LEU B 276 -17.73 4.03 -12.16
CA LEU B 276 -17.73 3.99 -12.19
C LEU B 276 -18.68 4.52 -11.07
C LEU B 276 -18.61 4.49 -11.06
N LEU B 277 -19.97 4.21 -11.23
N LEU B 277 -19.92 4.24 -11.18
CA LEU B 277 -20.99 4.34 -10.20
CA LEU B 277 -20.86 4.36 -10.08
C LEU B 277 -21.24 2.98 -9.57
C LEU B 277 -21.19 2.99 -9.54
N PRO B 278 -21.77 2.91 -8.35
CA PRO B 278 -22.14 1.60 -7.81
C PRO B 278 -23.25 0.95 -8.64
N THR B 279 -23.23 -0.38 -8.65
CA THR B 279 -24.26 -1.16 -9.30
C THR B 279 -25.22 -1.78 -8.28
N ASP B 280 -24.87 -1.77 -7.00
CA ASP B 280 -25.80 -2.18 -5.96
C ASP B 280 -25.62 -1.27 -4.76
N VAL B 281 -26.69 -1.13 -3.97
CA VAL B 281 -26.69 -0.23 -2.82
C VAL B 281 -27.40 -0.90 -1.65
N VAL B 282 -27.02 -0.47 -0.44
CA VAL B 282 -27.70 -0.86 0.78
C VAL B 282 -28.75 0.22 1.06
N VAL B 283 -30.02 -0.15 0.99
CA VAL B 283 -31.11 0.79 1.21
C VAL B 283 -31.71 0.53 2.58
N ALA B 284 -32.31 1.56 3.16
CA ALA B 284 -32.86 1.56 4.51
C ALA B 284 -34.28 2.10 4.48
N ASP B 285 -35.13 1.63 5.40
CA ASP B 285 -36.49 2.13 5.40
C ASP B 285 -36.67 3.45 6.17
N LYS B 286 -35.63 3.93 6.85
CA LYS B 286 -35.61 5.23 7.53
C LYS B 286 -34.15 5.57 7.80
N PHE B 287 -33.88 6.85 8.03
CA PHE B 287 -32.54 7.35 8.32
C PHE B 287 -32.23 7.09 9.80
N ASP B 288 -31.69 5.90 10.06
CA ASP B 288 -31.62 5.38 11.42
C ASP B 288 -30.51 4.33 11.43
N ALA B 289 -29.61 4.41 12.41
CA ALA B 289 -28.54 3.43 12.53
C ALA B 289 -29.07 2.01 12.75
N ASN B 290 -30.32 1.85 13.18
CA ASN B 290 -30.95 0.55 13.39
C ASN B 290 -32.02 0.23 12.32
N ALA B 291 -32.04 0.95 11.21
CA ALA B 291 -33.08 0.75 10.20
C ALA B 291 -33.05 -0.67 9.64
N ASN B 292 -34.21 -1.13 9.17
CA ASN B 292 -34.23 -2.32 8.33
C ASN B 292 -33.49 -2.02 7.03
N THR B 293 -32.85 -3.04 6.46
CA THR B 293 -32.04 -2.87 5.26
C THR B 293 -32.31 -3.98 4.27
N GLN B 294 -32.14 -3.66 2.99
CA GLN B 294 -31.93 -4.66 1.95
C GLN B 294 -30.84 -4.18 1.00
N THR B 295 -30.18 -5.15 0.37
CA THR B 295 -29.16 -4.88 -0.64
C THR B 295 -29.78 -5.17 -1.99
N VAL B 296 -29.83 -4.16 -2.86
CA VAL B 296 -30.59 -4.29 -4.11
C VAL B 296 -29.76 -3.77 -5.27
N PRO B 297 -29.98 -4.26 -6.49
CA PRO B 297 -29.43 -3.59 -7.67
C PRO B 297 -30.00 -2.18 -7.77
N ILE B 298 -29.18 -1.26 -8.31
CA ILE B 298 -29.65 0.11 -8.45
C ILE B 298 -30.81 0.21 -9.43
N THR B 299 -31.05 -0.84 -10.24
CA THR B 299 -32.17 -0.84 -11.16
C THR B 299 -33.49 -1.22 -10.48
N ALA B 300 -33.46 -1.58 -9.20
CA ALA B 300 -34.66 -1.98 -8.47
C ALA B 300 -34.67 -1.42 -7.05
N ILE B 301 -34.54 -0.10 -6.91
CA ILE B 301 -34.67 0.54 -5.60
C ILE B 301 -36.14 0.52 -5.18
N PRO B 302 -36.49 -0.12 -4.06
CA PRO B 302 -37.90 -0.13 -3.60
C PRO B 302 -38.39 1.24 -3.21
N ASP B 303 -39.64 1.55 -3.59
CA ASP B 303 -40.25 2.82 -3.22
C ASP B 303 -40.24 3.00 -1.70
N GLY B 304 -39.96 4.24 -1.26
CA GLY B 304 -39.94 4.53 0.15
C GLY B 304 -38.69 4.09 0.89
N TRP B 305 -37.69 3.54 0.20
CA TRP B 305 -36.42 3.21 0.85
C TRP B 305 -35.34 4.14 0.32
N MET B 306 -34.31 4.38 1.13
CA MET B 306 -33.26 5.32 0.76
C MET B 306 -31.92 4.62 0.83
N GLY B 307 -31.03 4.95 -0.12
CA GLY B 307 -29.72 4.32 -0.17
C GLY B 307 -28.74 4.98 0.77
N LEU B 308 -28.14 4.21 1.67
CA LEU B 308 -27.24 4.79 2.66
C LEU B 308 -25.85 4.20 2.60
N ASP B 309 -25.60 3.19 1.78
CA ASP B 309 -24.25 2.64 1.57
C ASP B 309 -24.20 1.99 0.19
N ILE B 310 -22.99 1.76 -0.30
CA ILE B 310 -22.85 0.95 -1.52
C ILE B 310 -22.86 -0.52 -1.10
N GLY B 311 -23.27 -1.37 -2.04
CA GLY B 311 -23.45 -2.77 -1.74
C GLY B 311 -22.20 -3.56 -2.06
N PRO B 312 -22.23 -4.87 -1.78
CA PRO B 312 -21.01 -5.68 -1.91
C PRO B 312 -20.53 -5.84 -3.34
N ASP B 313 -21.41 -5.87 -4.33
CA ASP B 313 -20.92 -5.97 -5.71
C ASP B 313 -20.18 -4.70 -6.09
N SER B 314 -20.61 -3.57 -5.53
CA SER B 314 -19.94 -2.31 -5.84
C SER B 314 -18.56 -2.28 -5.20
N VAL B 315 -18.44 -2.76 -3.96
CA VAL B 315 -17.13 -2.81 -3.31
C VAL B 315 -16.18 -3.63 -4.16
N LYS B 316 -16.65 -4.76 -4.70
CA LYS B 316 -15.80 -5.61 -5.52
C LYS B 316 -15.39 -4.90 -6.81
N THR B 317 -16.37 -4.28 -7.48
CA THR B 317 -16.08 -3.51 -8.68
C THR B 317 -15.06 -2.41 -8.42
N PHE B 318 -15.23 -1.70 -7.30
CA PHE B 318 -14.32 -0.59 -7.01
C PHE B 318 -12.93 -1.12 -6.69
N ASN B 319 -12.86 -2.16 -5.84
CA ASN B 319 -11.59 -2.80 -5.54
C ASN B 319 -10.88 -3.27 -6.81
N ASP B 320 -11.62 -3.91 -7.72
CA ASP B 320 -11.02 -4.35 -8.97
C ASP B 320 -10.49 -3.17 -9.78
N ALA B 321 -11.23 -2.06 -9.81
CA ALA B 321 -10.75 -0.89 -10.55
C ALA B 321 -9.51 -0.28 -9.90
N LEU B 322 -9.37 -0.42 -8.58
CA LEU B 322 -8.28 0.17 -7.82
C LEU B 322 -7.01 -0.67 -7.82
N ALA B 323 -7.13 -1.97 -8.13
CA ALA B 323 -6.06 -2.92 -7.84
C ALA B 323 -4.74 -2.56 -8.53
N ASP B 324 -4.80 -1.91 -9.70
CA ASP B 324 -3.60 -1.56 -10.45
C ASP B 324 -3.21 -0.09 -10.33
N ALA B 325 -3.87 0.68 -9.48
CA ALA B 325 -3.65 2.12 -9.44
C ALA B 325 -2.23 2.44 -8.97
N LYS B 326 -1.66 3.52 -9.52
CA LYS B 326 -0.42 4.07 -8.99
C LYS B 326 -0.58 5.44 -8.32
N THR B 327 -1.71 6.12 -8.57
CA THR B 327 -2.11 7.30 -7.82
C THR B 327 -3.61 7.17 -7.51
N VAL B 328 -3.98 7.50 -6.27
CA VAL B 328 -5.38 7.56 -5.87
C VAL B 328 -5.57 8.84 -5.07
N VAL B 329 -6.57 9.63 -5.44
N VAL B 329 -6.57 9.63 -5.44
CA VAL B 329 -7.06 10.74 -4.64
CA VAL B 329 -7.04 10.75 -4.63
C VAL B 329 -8.47 10.42 -4.19
C VAL B 329 -8.47 10.44 -4.20
N TRP B 330 -8.74 10.59 -2.90
CA TRP B 330 -10.04 10.25 -2.34
C TRP B 330 -10.56 11.44 -1.56
N ASN B 331 -11.71 11.95 -1.99
CA ASN B 331 -12.41 13.01 -1.29
C ASN B 331 -13.86 12.57 -1.11
N GLY B 332 -14.29 12.40 0.13
CA GLY B 332 -15.70 12.19 0.40
C GLY B 332 -16.07 10.75 0.63
N PRO B 333 -17.05 10.52 1.51
CA PRO B 333 -17.40 9.16 1.93
C PRO B 333 -18.28 8.46 0.91
N MET B 334 -18.31 7.14 1.02
CA MET B 334 -19.12 6.30 0.15
C MET B 334 -20.53 6.05 0.66
N GLY B 335 -20.79 6.34 1.93
CA GLY B 335 -22.09 6.11 2.53
C GLY B 335 -22.11 6.77 3.88
N VAL B 336 -23.16 6.50 4.66
CA VAL B 336 -23.33 7.14 5.96
C VAL B 336 -22.48 6.38 6.97
N PHE B 337 -21.17 6.59 6.93
CA PHE B 337 -20.27 5.75 7.72
C PHE B 337 -20.31 6.09 9.21
N GLU B 338 -20.93 7.20 9.61
CA GLU B 338 -21.14 7.43 11.04
C GLU B 338 -22.16 6.45 11.61
N PHE B 339 -22.97 5.82 10.76
CA PHE B 339 -23.80 4.70 11.16
C PHE B 339 -23.01 3.41 10.92
N PRO B 340 -22.68 2.63 11.95
CA PRO B 340 -21.85 1.42 11.71
C PRO B 340 -22.43 0.45 10.68
N LYS B 341 -23.74 0.22 10.70
CA LYS B 341 -24.39 -0.63 9.70
C LYS B 341 -24.15 -0.16 8.25
N PHE B 342 -23.85 1.12 8.04
CA PHE B 342 -23.66 1.66 6.70
C PHE B 342 -22.24 2.18 6.49
N ALA B 343 -21.28 1.64 7.24
CA ALA B 343 -19.88 2.01 7.13
C ALA B 343 -19.10 1.11 6.18
N ASN B 344 -19.66 -0.03 5.76
CA ASN B 344 -18.85 -1.04 5.08
C ASN B 344 -18.21 -0.51 3.81
N GLY B 345 -18.96 0.25 3.02
CA GLY B 345 -18.43 0.72 1.75
C GLY B 345 -17.25 1.66 1.93
N THR B 346 -17.38 2.62 2.83
CA THR B 346 -16.32 3.59 3.08
C THR B 346 -15.10 2.92 3.69
N VAL B 347 -15.32 2.07 4.71
CA VAL B 347 -14.19 1.38 5.34
C VAL B 347 -13.51 0.45 4.35
N SER B 348 -14.28 -0.17 3.44
CA SER B 348 -13.67 -1.09 2.50
C SER B 348 -12.73 -0.34 1.56
N ILE B 349 -13.11 0.88 1.18
CA ILE B 349 -12.26 1.72 0.33
C ILE B 349 -10.97 2.07 1.05
N ALA B 350 -11.09 2.48 2.31
CA ALA B 350 -9.93 2.86 3.10
C ALA B 350 -8.94 1.69 3.24
N ASN B 351 -9.46 0.50 3.53
CA ASN B 351 -8.60 -0.68 3.64
C ASN B 351 -7.96 -1.02 2.30
N THR B 352 -8.70 -0.90 1.21
CA THR B 352 -8.10 -1.11 -0.10
C THR B 352 -6.95 -0.13 -0.35
N LEU B 353 -7.17 1.15 -0.07
CA LEU B 353 -6.10 2.14 -0.29
C LEU B 353 -4.90 1.85 0.61
N ALA B 354 -5.16 1.44 1.85
CA ALA B 354 -4.05 1.09 2.74
C ALA B 354 -3.24 -0.07 2.18
N GLY B 355 -3.89 -0.97 1.45
CA GLY B 355 -3.18 -2.05 0.80
C GLY B 355 -2.47 -1.70 -0.47
N LEU B 356 -2.76 -0.53 -1.05
CA LEU B 356 -2.13 -0.12 -2.29
C LEU B 356 -0.80 0.60 -2.06
N THR B 357 -0.70 1.39 -1.00
CA THR B 357 0.51 2.16 -0.71
C THR B 357 1.78 1.32 -0.75
N PRO B 358 1.87 0.15 -0.12
CA PRO B 358 3.11 -0.67 -0.24
C PRO B 358 3.32 -1.31 -1.60
N LYS B 359 2.38 -1.16 -2.54
CA LYS B 359 2.55 -1.62 -3.91
C LYS B 359 3.04 -0.50 -4.82
N GLY B 360 3.54 0.59 -4.25
CA GLY B 360 4.02 1.70 -5.04
C GLY B 360 2.95 2.69 -5.44
N CYS B 361 1.75 2.57 -4.89
CA CYS B 361 0.67 3.48 -5.23
C CYS B 361 0.74 4.68 -4.30
N ILE B 362 0.56 5.87 -4.86
CA ILE B 362 0.47 7.11 -4.08
C ILE B 362 -0.99 7.32 -3.69
N THR B 363 -1.26 7.31 -2.39
CA THR B 363 -2.63 7.39 -1.89
C THR B 363 -2.81 8.72 -1.16
N ILE B 364 -3.75 9.53 -1.62
CA ILE B 364 -3.91 10.92 -1.18
C ILE B 364 -5.33 11.09 -0.66
N ILE B 365 -5.46 11.51 0.61
CA ILE B 365 -6.75 11.75 1.24
C ILE B 365 -6.96 13.24 1.43
N GLY B 366 -8.10 13.75 0.98
CA GLY B 366 -8.38 15.17 1.09
C GLY B 366 -9.83 15.42 1.46
N GLY B 367 -10.04 16.27 2.45
CA GLY B 367 -11.41 16.64 2.79
C GLY B 367 -11.80 16.11 4.16
N GLY B 368 -12.67 16.87 4.83
CA GLY B 368 -13.04 16.54 6.20
C GLY B 368 -13.55 15.11 6.36
N ASP B 369 -14.47 14.69 5.49
CA ASP B 369 -15.12 13.41 5.74
C ASP B 369 -14.21 12.24 5.38
N SER B 370 -13.47 12.35 4.27
CA SER B 370 -12.58 11.27 3.90
C SER B 370 -11.44 11.12 4.91
N VAL B 371 -10.96 12.23 5.50
CA VAL B 371 -9.94 12.11 6.53
C VAL B 371 -10.50 11.40 7.76
N ALA B 372 -11.71 11.78 8.19
CA ALA B 372 -12.34 11.13 9.34
C ALA B 372 -12.61 9.65 9.08
N ALA B 373 -13.01 9.31 7.84
CA ALA B 373 -13.23 7.92 7.50
C ALA B 373 -11.95 7.09 7.65
N VAL B 374 -10.81 7.59 7.15
CA VAL B 374 -9.60 6.77 7.23
C VAL B 374 -9.10 6.72 8.67
N GLU B 375 -9.27 7.81 9.42
CA GLU B 375 -9.01 7.77 10.85
C GLU B 375 -9.89 6.73 11.52
N GLN B 376 -11.20 6.76 11.23
CA GLN B 376 -12.11 5.79 11.84
C GLN B 376 -11.73 4.36 11.46
N ALA B 377 -11.33 4.13 10.21
CA ALA B 377 -10.85 2.80 9.84
C ALA B 377 -9.47 2.50 10.40
N GLY B 378 -8.79 3.49 10.97
CA GLY B 378 -7.50 3.26 11.59
C GLY B 378 -6.37 3.00 10.63
N VAL B 379 -6.45 3.50 9.39
CA VAL B 379 -5.36 3.29 8.46
C VAL B 379 -4.73 4.62 8.05
N ALA B 380 -4.96 5.67 8.83
CA ALA B 380 -4.51 7.01 8.47
C ALA B 380 -3.00 7.03 8.16
N GLU B 381 -2.21 6.34 8.98
CA GLU B 381 -0.76 6.34 8.78
C GLU B 381 -0.32 5.41 7.66
N LYS B 382 -1.24 4.72 6.98
CA LYS B 382 -0.86 3.86 5.87
C LYS B 382 -1.05 4.51 4.51
N MET B 383 -1.49 5.77 4.48
CA MET B 383 -1.66 6.51 3.24
C MET B 383 -0.39 7.27 2.92
N SER B 384 -0.27 7.72 1.68
CA SER B 384 0.89 8.49 1.31
C SER B 384 0.78 9.89 1.88
N HIS B 385 -0.41 10.49 1.81
CA HIS B 385 -0.61 11.86 2.27
C HIS B 385 -2.03 12.05 2.77
N ILE B 386 -2.15 12.58 3.98
CA ILE B 386 -3.43 12.95 4.56
C ILE B 386 -3.47 14.47 4.62
N SER B 387 -4.33 15.08 3.80
CA SER B 387 -4.37 16.54 3.75
C SER B 387 -4.89 17.14 5.05
N THR B 388 -4.25 18.23 5.46
CA THR B 388 -4.59 18.96 6.67
C THR B 388 -5.52 20.14 6.42
N GLY B 389 -6.03 20.30 5.20
CA GLY B 389 -6.48 21.62 4.79
C GLY B 389 -7.97 21.85 4.78
N GLY B 390 -8.75 20.80 5.02
CA GLY B 390 -10.19 20.95 5.00
C GLY B 390 -10.69 21.46 3.67
N GLY B 391 -11.38 22.61 3.70
CA GLY B 391 -11.93 23.18 2.49
C GLY B 391 -10.87 23.62 1.49
N ALA B 392 -9.69 24.02 1.99
CA ALA B 392 -8.61 24.39 1.09
C ALA B 392 -8.20 23.24 0.19
N SER B 393 -8.23 22.01 0.71
CA SER B 393 -7.85 20.83 -0.06
C SER B 393 -8.80 20.61 -1.24
N LEU B 394 -10.10 20.78 -1.02
CA LEU B 394 -11.08 20.59 -2.09
C LEU B 394 -10.90 21.66 -3.17
N GLU B 395 -10.69 22.91 -2.75
CA GLU B 395 -10.56 24.02 -3.70
C GLU B 395 -9.32 23.86 -4.56
N LEU B 396 -8.24 23.37 -3.96
CA LEU B 396 -7.05 23.10 -4.75
C LEU B 396 -7.30 21.94 -5.72
N LEU B 397 -8.01 20.89 -5.27
CA LEU B 397 -8.35 19.79 -6.18
C LEU B 397 -9.31 20.25 -7.27
N GLU B 398 -10.16 21.25 -6.98
CA GLU B 398 -11.02 21.85 -7.99
C GLU B 398 -10.26 22.69 -8.99
N GLY B 399 -8.95 22.86 -8.82
CA GLY B 399 -8.19 23.71 -9.70
C GLY B 399 -8.34 25.20 -9.46
N LYS B 400 -8.86 25.60 -8.31
CA LYS B 400 -8.91 27.03 -7.98
C LYS B 400 -7.52 27.61 -7.74
N VAL B 401 -7.40 28.92 -7.95
CA VAL B 401 -6.20 29.68 -7.59
C VAL B 401 -6.34 30.07 -6.12
N LEU B 402 -5.56 29.43 -5.24
CA LEU B 402 -5.61 29.75 -3.83
C LEU B 402 -4.83 31.04 -3.55
N PRO B 403 -5.47 32.10 -3.02
CA PRO B 403 -4.77 33.39 -2.89
C PRO B 403 -3.52 33.29 -2.04
N GLY B 404 -3.56 32.46 -0.99
CA GLY B 404 -2.38 32.27 -0.18
C GLY B 404 -1.23 31.68 -0.95
N VAL B 405 -1.52 30.73 -1.84
CA VAL B 405 -0.44 30.10 -2.61
C VAL B 405 0.04 31.05 -3.70
N ALA B 406 -0.89 31.74 -4.36
CA ALA B 406 -0.52 32.67 -5.43
C ALA B 406 0.40 33.77 -4.92
N ALA B 407 0.29 34.16 -3.65
CA ALA B 407 1.13 35.24 -3.12
C ALA B 407 2.60 34.81 -2.92
N LEU B 408 2.90 33.52 -2.88
CA LEU B 408 4.27 33.09 -2.65
C LEU B 408 5.14 33.34 -3.88
N ASP B 409 6.44 33.50 -3.65
CA ASP B 409 7.39 33.63 -4.75
C ASP B 409 7.50 32.35 -5.56
N GLU B 410 7.67 32.50 -6.87
CA GLU B 410 7.96 31.33 -7.69
C GLU B 410 9.39 30.89 -7.43
N LYS B 411 9.61 29.57 -7.50
CA LYS B 411 10.93 28.99 -7.22
C LYS B 411 12.00 29.57 -8.14
P PO4 C . -1.96 -22.67 -4.44
O1 PO4 C . -1.22 -21.53 -5.12
O2 PO4 C . -2.63 -22.18 -3.18
O3 PO4 C . -3.01 -23.21 -5.41
O4 PO4 C . -0.97 -23.77 -4.07
P PO4 D . -15.69 15.96 2.18
O1 PO4 D . -15.11 17.18 1.50
O2 PO4 D . -16.84 15.38 1.37
O3 PO4 D . -14.61 14.90 2.37
O4 PO4 D . -16.23 16.35 3.55
P PO4 E . -21.52 17.00 0.52
O1 PO4 E . -22.62 17.76 1.23
O2 PO4 E . -20.23 17.81 0.59
O3 PO4 E . -21.96 16.79 -0.91
O4 PO4 E . -21.27 15.67 1.20
#